data_2XF6
# 
_entry.id   2XF6 
# 
_audit_conform.dict_name       mmcif_pdbx.dic 
_audit_conform.dict_version    5.391 
_audit_conform.dict_location   http://mmcif.pdb.org/dictionaries/ascii/mmcif_pdbx.dic 
# 
loop_
_database_2.database_id 
_database_2.database_code 
_database_2.pdbx_database_accession 
_database_2.pdbx_DOI 
PDB   2XF6         pdb_00002xf6 10.2210/pdb2xf6/pdb 
PDBE  EBI-44010    ?            ?                   
WWPDB D_1290044010 ?            ?                   
# 
loop_
_pdbx_audit_revision_history.ordinal 
_pdbx_audit_revision_history.data_content_type 
_pdbx_audit_revision_history.major_revision 
_pdbx_audit_revision_history.minor_revision 
_pdbx_audit_revision_history.revision_date 
1 'Structure model' 1 0 2010-08-11 
2 'Structure model' 1 1 2011-05-08 
3 'Structure model' 1 2 2011-07-13 
4 'Structure model' 1 3 2024-05-08 
# 
_pdbx_audit_revision_details.ordinal             1 
_pdbx_audit_revision_details.revision_ordinal    1 
_pdbx_audit_revision_details.data_content_type   'Structure model' 
_pdbx_audit_revision_details.provider            repository 
_pdbx_audit_revision_details.type                'Initial release' 
_pdbx_audit_revision_details.description         ? 
_pdbx_audit_revision_details.details             ? 
# 
loop_
_pdbx_audit_revision_group.ordinal 
_pdbx_audit_revision_group.revision_ordinal 
_pdbx_audit_revision_group.data_content_type 
_pdbx_audit_revision_group.group 
1 2 'Structure model' 'Version format compliance' 
2 3 'Structure model' 'Version format compliance' 
3 4 'Structure model' 'Data collection'           
4 4 'Structure model' 'Database references'       
5 4 'Structure model' Other                       
# 
loop_
_pdbx_audit_revision_category.ordinal 
_pdbx_audit_revision_category.revision_ordinal 
_pdbx_audit_revision_category.data_content_type 
_pdbx_audit_revision_category.category 
1 4 'Structure model' chem_comp_atom       
2 4 'Structure model' chem_comp_bond       
3 4 'Structure model' database_2           
4 4 'Structure model' pdbx_database_status 
# 
loop_
_pdbx_audit_revision_item.ordinal 
_pdbx_audit_revision_item.revision_ordinal 
_pdbx_audit_revision_item.data_content_type 
_pdbx_audit_revision_item.item 
1 4 'Structure model' '_database_2.pdbx_DOI'                 
2 4 'Structure model' '_database_2.pdbx_database_accession'  
3 4 'Structure model' '_pdbx_database_status.status_code_sf' 
# 
_pdbx_database_status.status_code                     REL 
_pdbx_database_status.entry_id                        2XF6 
_pdbx_database_status.deposit_site                    PDBE 
_pdbx_database_status.process_site                    PDBE 
_pdbx_database_status.SG_entry                        . 
_pdbx_database_status.recvd_initial_deposition_date   2010-05-20 
_pdbx_database_status.pdb_format_compatible           Y 
_pdbx_database_status.status_code_sf                  REL 
_pdbx_database_status.status_code_mr                  ? 
_pdbx_database_status.status_code_cs                  ? 
_pdbx_database_status.methods_development_category    ? 
_pdbx_database_status.status_code_nmr_data            ? 
# 
loop_
_pdbx_database_related.db_name 
_pdbx_database_related.db_id 
_pdbx_database_related.content_type 
_pdbx_database_related.details 
PDB 2XF5 unspecified 'CRYSTAL STRUCTURE OF BACILLUS SUBTILIS SPP1 PHAGE GP23.1, A PUTATIVE CHAPERONE.'                             
PDB 2XF7 unspecified 'CRYSTAL STRUCTURE OF BACILLUS SUBTILIS SPP1 PHAGE GP23.1, A PUTATIVE CHAPERONE. HIGH- RESOLUTION STRUCTURE.' 
# 
loop_
_audit_author.name 
_audit_author.pdbx_ordinal 
'Veesler, D.'         1 
'Blangy, S.'          2 
'Lichiere, J.'        3 
'Ortiz-Lombardia, M.' 4 
'Tavares, P.'         5 
'Campanacci, V.'      6 
'Cambillau, C.'       7 
# 
_citation.id                        primary 
_citation.title                     'Crystal Structure of Bacillus Subtilis Spp1 Phage Gp23.1, A Putative Chaperone.' 
_citation.journal_abbrev            'Protein Sci.' 
_citation.journal_volume            19 
_citation.page_first                1812 
_citation.page_last                 ? 
_citation.year                      2010 
_citation.journal_id_ASTM           PRCIEI 
_citation.country                   US 
_citation.journal_id_ISSN           0961-8368 
_citation.journal_id_CSD            0795 
_citation.book_publisher            ? 
_citation.pdbx_database_id_PubMed   20665904 
_citation.pdbx_database_id_DOI      10.1002/PRO.464 
# 
loop_
_citation_author.citation_id 
_citation_author.name 
_citation_author.ordinal 
_citation_author.identifier_ORCID 
primary 'Veesler, D.'        1 ? 
primary 'Blangy, S.'         2 ? 
primary 'Lichiere, J.'       3 ? 
primary 'Ortizlombardia, M.' 4 ? 
primary 'Tavares, P.'        5 ? 
primary 'Campanacci, V.'     6 ? 
primary 'Cambillau, C.'      7 ? 
# 
loop_
_entity.id 
_entity.type 
_entity.src_method 
_entity.pdbx_description 
_entity.formula_weight 
_entity.pdbx_number_of_molecules 
_entity.pdbx_ec 
_entity.pdbx_mutation 
_entity.pdbx_fragment 
_entity.details 
1 polymer man GP23.1 5761.278 1  ? ? ? ? 
2 water   nat water  18.015   27 ? ? ? ? 
# 
_entity_poly.entity_id                      1 
_entity_poly.type                           'polypeptide(L)' 
_entity_poly.nstd_linkage                   no 
_entity_poly.nstd_monomer                   no 
_entity_poly.pdbx_seq_one_letter_code       MSESLLYGYFLDSWLDGTASEELLRVAVNAGDLTQEEADKIMSYPWGAWND 
_entity_poly.pdbx_seq_one_letter_code_can   MSESLLYGYFLDSWLDGTASEELLRVAVNAGDLTQEEADKIMSYPWGAWND 
_entity_poly.pdbx_strand_id                 A 
_entity_poly.pdbx_target_identifier         ? 
# 
_pdbx_entity_nonpoly.entity_id   2 
_pdbx_entity_nonpoly.name        water 
_pdbx_entity_nonpoly.comp_id     HOH 
# 
loop_
_entity_poly_seq.entity_id 
_entity_poly_seq.num 
_entity_poly_seq.mon_id 
_entity_poly_seq.hetero 
1 1  MET n 
1 2  SER n 
1 3  GLU n 
1 4  SER n 
1 5  LEU n 
1 6  LEU n 
1 7  TYR n 
1 8  GLY n 
1 9  TYR n 
1 10 PHE n 
1 11 LEU n 
1 12 ASP n 
1 13 SER n 
1 14 TRP n 
1 15 LEU n 
1 16 ASP n 
1 17 GLY n 
1 18 THR n 
1 19 ALA n 
1 20 SER n 
1 21 GLU n 
1 22 GLU n 
1 23 LEU n 
1 24 LEU n 
1 25 ARG n 
1 26 VAL n 
1 27 ALA n 
1 28 VAL n 
1 29 ASN n 
1 30 ALA n 
1 31 GLY n 
1 32 ASP n 
1 33 LEU n 
1 34 THR n 
1 35 GLN n 
1 36 GLU n 
1 37 GLU n 
1 38 ALA n 
1 39 ASP n 
1 40 LYS n 
1 41 ILE n 
1 42 MET n 
1 43 SER n 
1 44 TYR n 
1 45 PRO n 
1 46 TRP n 
1 47 GLY n 
1 48 ALA n 
1 49 TRP n 
1 50 ASN n 
1 51 ASP n 
# 
_entity_src_gen.entity_id                          1 
_entity_src_gen.pdbx_src_id                        1 
_entity_src_gen.pdbx_alt_source_flag               sample 
_entity_src_gen.pdbx_seq_type                      ? 
_entity_src_gen.pdbx_beg_seq_num                   ? 
_entity_src_gen.pdbx_end_seq_num                   ? 
_entity_src_gen.gene_src_common_name               ? 
_entity_src_gen.gene_src_genus                     ? 
_entity_src_gen.pdbx_gene_src_gene                 ? 
_entity_src_gen.gene_src_species                   ? 
_entity_src_gen.gene_src_strain                    ? 
_entity_src_gen.gene_src_tissue                    ? 
_entity_src_gen.gene_src_tissue_fraction           ? 
_entity_src_gen.gene_src_details                   ? 
_entity_src_gen.pdbx_gene_src_fragment             ? 
_entity_src_gen.pdbx_gene_src_scientific_name      'BACILLUS PHAGE SPP1' 
_entity_src_gen.pdbx_gene_src_ncbi_taxonomy_id     10724 
_entity_src_gen.pdbx_gene_src_variant              ? 
_entity_src_gen.pdbx_gene_src_cell_line            ? 
_entity_src_gen.pdbx_gene_src_atcc                 ? 
_entity_src_gen.pdbx_gene_src_organ                ? 
_entity_src_gen.pdbx_gene_src_organelle            ? 
_entity_src_gen.pdbx_gene_src_cell                 ? 
_entity_src_gen.pdbx_gene_src_cellular_location    ? 
_entity_src_gen.host_org_common_name               ? 
_entity_src_gen.pdbx_host_org_scientific_name      'ESCHERICHIA COLI' 
_entity_src_gen.pdbx_host_org_ncbi_taxonomy_id     562 
_entity_src_gen.host_org_genus                     ? 
_entity_src_gen.pdbx_host_org_gene                 ? 
_entity_src_gen.pdbx_host_org_organ                ? 
_entity_src_gen.host_org_species                   ? 
_entity_src_gen.pdbx_host_org_tissue               ? 
_entity_src_gen.pdbx_host_org_tissue_fraction      ? 
_entity_src_gen.pdbx_host_org_strain               'T7 EXPRESS IQ PLYSS' 
_entity_src_gen.pdbx_host_org_variant              ? 
_entity_src_gen.pdbx_host_org_cell_line            ? 
_entity_src_gen.pdbx_host_org_atcc                 ? 
_entity_src_gen.pdbx_host_org_culture_collection   ? 
_entity_src_gen.pdbx_host_org_cell                 ? 
_entity_src_gen.pdbx_host_org_organelle            ? 
_entity_src_gen.pdbx_host_org_cellular_location    ? 
_entity_src_gen.pdbx_host_org_vector_type          ? 
_entity_src_gen.pdbx_host_org_vector               ? 
_entity_src_gen.host_org_details                   ? 
_entity_src_gen.expression_system_id               ? 
_entity_src_gen.plasmid_name                       PETG20A 
_entity_src_gen.plasmid_details                    ? 
_entity_src_gen.pdbx_description                   ? 
# 
loop_
_chem_comp.id 
_chem_comp.type 
_chem_comp.mon_nstd_flag 
_chem_comp.name 
_chem_comp.pdbx_synonyms 
_chem_comp.formula 
_chem_comp.formula_weight 
ALA 'L-peptide linking' y ALANINE         ? 'C3 H7 N O2'     89.093  
ARG 'L-peptide linking' y ARGININE        ? 'C6 H15 N4 O2 1' 175.209 
ASN 'L-peptide linking' y ASPARAGINE      ? 'C4 H8 N2 O3'    132.118 
ASP 'L-peptide linking' y 'ASPARTIC ACID' ? 'C4 H7 N O4'     133.103 
GLN 'L-peptide linking' y GLUTAMINE       ? 'C5 H10 N2 O3'   146.144 
GLU 'L-peptide linking' y 'GLUTAMIC ACID' ? 'C5 H9 N O4'     147.129 
GLY 'peptide linking'   y GLYCINE         ? 'C2 H5 N O2'     75.067  
HOH non-polymer         . WATER           ? 'H2 O'           18.015  
ILE 'L-peptide linking' y ISOLEUCINE      ? 'C6 H13 N O2'    131.173 
LEU 'L-peptide linking' y LEUCINE         ? 'C6 H13 N O2'    131.173 
LYS 'L-peptide linking' y LYSINE          ? 'C6 H15 N2 O2 1' 147.195 
MET 'L-peptide linking' y METHIONINE      ? 'C5 H11 N O2 S'  149.211 
PHE 'L-peptide linking' y PHENYLALANINE   ? 'C9 H11 N O2'    165.189 
PRO 'L-peptide linking' y PROLINE         ? 'C5 H9 N O2'     115.130 
SER 'L-peptide linking' y SERINE          ? 'C3 H7 N O3'     105.093 
THR 'L-peptide linking' y THREONINE       ? 'C4 H9 N O3'     119.119 
TRP 'L-peptide linking' y TRYPTOPHAN      ? 'C11 H12 N2 O2'  204.225 
TYR 'L-peptide linking' y TYROSINE        ? 'C9 H11 N O3'    181.189 
VAL 'L-peptide linking' y VALINE          ? 'C5 H11 N O2'    117.146 
# 
loop_
_pdbx_poly_seq_scheme.asym_id 
_pdbx_poly_seq_scheme.entity_id 
_pdbx_poly_seq_scheme.seq_id 
_pdbx_poly_seq_scheme.mon_id 
_pdbx_poly_seq_scheme.ndb_seq_num 
_pdbx_poly_seq_scheme.pdb_seq_num 
_pdbx_poly_seq_scheme.auth_seq_num 
_pdbx_poly_seq_scheme.pdb_mon_id 
_pdbx_poly_seq_scheme.auth_mon_id 
_pdbx_poly_seq_scheme.pdb_strand_id 
_pdbx_poly_seq_scheme.pdb_ins_code 
_pdbx_poly_seq_scheme.hetero 
A 1 1  MET 1  1  ?  ?   ?   A . n 
A 1 2  SER 2  2  2  SER SER A . n 
A 1 3  GLU 3  3  3  GLU GLU A . n 
A 1 4  SER 4  4  4  SER SER A . n 
A 1 5  LEU 5  5  5  LEU LEU A . n 
A 1 6  LEU 6  6  6  LEU LEU A . n 
A 1 7  TYR 7  7  7  TYR TYR A . n 
A 1 8  GLY 8  8  8  GLY GLY A . n 
A 1 9  TYR 9  9  9  TYR TYR A . n 
A 1 10 PHE 10 10 10 PHE PHE A . n 
A 1 11 LEU 11 11 11 LEU LEU A . n 
A 1 12 ASP 12 12 12 ASP ASP A . n 
A 1 13 SER 13 13 13 SER SER A . n 
A 1 14 TRP 14 14 14 TRP TRP A . n 
A 1 15 LEU 15 15 15 LEU LEU A . n 
A 1 16 ASP 16 16 16 ASP ASP A . n 
A 1 17 GLY 17 17 17 GLY GLY A . n 
A 1 18 THR 18 18 18 THR THR A . n 
A 1 19 ALA 19 19 19 ALA ALA A . n 
A 1 20 SER 20 20 20 SER SER A . n 
A 1 21 GLU 21 21 21 GLU GLU A . n 
A 1 22 GLU 22 22 22 GLU GLU A . n 
A 1 23 LEU 23 23 23 LEU LEU A . n 
A 1 24 LEU 24 24 24 LEU LEU A . n 
A 1 25 ARG 25 25 25 ARG ARG A . n 
A 1 26 VAL 26 26 26 VAL VAL A . n 
A 1 27 ALA 27 27 27 ALA ALA A . n 
A 1 28 VAL 28 28 28 VAL VAL A . n 
A 1 29 ASN 29 29 29 ASN ASN A . n 
A 1 30 ALA 30 30 30 ALA ALA A . n 
A 1 31 GLY 31 31 31 GLY GLY A . n 
A 1 32 ASP 32 32 32 ASP ASP A . n 
A 1 33 LEU 33 33 33 LEU LEU A . n 
A 1 34 THR 34 34 34 THR THR A . n 
A 1 35 GLN 35 35 35 GLN GLN A . n 
A 1 36 GLU 36 36 36 GLU GLU A . n 
A 1 37 GLU 37 37 37 GLU GLU A . n 
A 1 38 ALA 38 38 38 ALA ALA A . n 
A 1 39 ASP 39 39 39 ASP ASP A . n 
A 1 40 LYS 40 40 40 LYS LYS A . n 
A 1 41 ILE 41 41 41 ILE ILE A . n 
A 1 42 MET 42 42 42 MET MET A . n 
A 1 43 SER 43 43 43 SER SER A . n 
A 1 44 TYR 44 44 44 TYR TYR A . n 
A 1 45 PRO 45 45 45 PRO PRO A . n 
A 1 46 TRP 46 46 46 TRP TRP A . n 
A 1 47 GLY 47 47 47 GLY GLY A . n 
A 1 48 ALA 48 48 48 ALA ALA A . n 
A 1 49 TRP 49 49 49 TRP TRP A . n 
A 1 50 ASN 50 50 50 ASN ASN A . n 
A 1 51 ASP 51 51 51 ASP ASP A . n 
# 
loop_
_pdbx_nonpoly_scheme.asym_id 
_pdbx_nonpoly_scheme.entity_id 
_pdbx_nonpoly_scheme.mon_id 
_pdbx_nonpoly_scheme.ndb_seq_num 
_pdbx_nonpoly_scheme.pdb_seq_num 
_pdbx_nonpoly_scheme.auth_seq_num 
_pdbx_nonpoly_scheme.pdb_mon_id 
_pdbx_nonpoly_scheme.auth_mon_id 
_pdbx_nonpoly_scheme.pdb_strand_id 
_pdbx_nonpoly_scheme.pdb_ins_code 
B 2 HOH 1  2001 2001 HOH HOH A . 
B 2 HOH 2  2002 2002 HOH HOH A . 
B 2 HOH 3  2003 2003 HOH HOH A . 
B 2 HOH 4  2004 2004 HOH HOH A . 
B 2 HOH 5  2005 2005 HOH HOH A . 
B 2 HOH 6  2006 2006 HOH HOH A . 
B 2 HOH 7  2007 2007 HOH HOH A . 
B 2 HOH 8  2008 2008 HOH HOH A . 
B 2 HOH 9  2009 2009 HOH HOH A . 
B 2 HOH 10 2010 2010 HOH HOH A . 
B 2 HOH 11 2011 2011 HOH HOH A . 
B 2 HOH 12 2012 2012 HOH HOH A . 
B 2 HOH 13 2013 2013 HOH HOH A . 
B 2 HOH 14 2014 2014 HOH HOH A . 
B 2 HOH 15 2015 2015 HOH HOH A . 
B 2 HOH 16 2016 2016 HOH HOH A . 
B 2 HOH 17 2017 2017 HOH HOH A . 
B 2 HOH 18 2018 2018 HOH HOH A . 
B 2 HOH 19 2019 2019 HOH HOH A . 
B 2 HOH 20 2020 2020 HOH HOH A . 
B 2 HOH 21 2021 2021 HOH HOH A . 
B 2 HOH 22 2022 2022 HOH HOH A . 
B 2 HOH 23 2023 2023 HOH HOH A . 
B 2 HOH 24 2024 2024 HOH HOH A . 
B 2 HOH 25 2025 2025 HOH HOH A . 
B 2 HOH 26 2026 2026 HOH HOH A . 
B 2 HOH 27 2027 2027 HOH HOH A . 
# 
loop_
_software.name 
_software.classification 
_software.version 
_software.citation_id 
_software.pdbx_ordinal 
BUSTER-TNT refinement       2.9.2 ? 1 
XDS        'data reduction' .     ? 2 
SCALA      'data scaling'   .     ? 3 
MOLREP     phasing          .     ? 4 
# 
_cell.entry_id           2XF6 
_cell.length_a           52.400 
_cell.length_b           52.400 
_cell.length_c           30.700 
_cell.angle_alpha        90.00 
_cell.angle_beta         90.00 
_cell.angle_gamma        120.00 
_cell.Z_PDB              6 
_cell.pdbx_unique_axis   ? 
# 
_symmetry.entry_id                         2XF6 
_symmetry.space_group_name_H-M             'P 6' 
_symmetry.pdbx_full_space_group_name_H-M   ? 
_symmetry.cell_setting                     ? 
_symmetry.Int_Tables_number                168 
# 
_exptl.entry_id          2XF6 
_exptl.method            'X-RAY DIFFRACTION' 
_exptl.crystals_number   1 
# 
_exptl_crystal.id                    1 
_exptl_crystal.density_meas          ? 
_exptl_crystal.density_Matthews      1.95 
_exptl_crystal.density_percent_sol   36.38 
_exptl_crystal.description           NONE 
# 
_exptl_crystal_grow.crystal_id      1 
_exptl_crystal_grow.method          ? 
_exptl_crystal_grow.temp            ? 
_exptl_crystal_grow.temp_details    ? 
_exptl_crystal_grow.pH              ? 
_exptl_crystal_grow.pdbx_pH_range   ? 
_exptl_crystal_grow.pdbx_details    '0.1 M NA HEPES PH7.5 20 PEG 10000' 
# 
_diffrn.id                     1 
_diffrn.ambient_temp           100 
_diffrn.ambient_temp_details   ? 
_diffrn.crystal_id             1 
# 
_diffrn_detector.diffrn_id              1 
_diffrn_detector.detector               CCD 
_diffrn_detector.type                   MARRESEARCH 
_diffrn_detector.pdbx_collection_date   2009-06-17 
_diffrn_detector.details                ? 
# 
_diffrn_radiation.diffrn_id                        1 
_diffrn_radiation.wavelength_id                    1 
_diffrn_radiation.pdbx_monochromatic_or_laue_m_l   M 
_diffrn_radiation.monochromator                    ? 
_diffrn_radiation.pdbx_diffrn_protocol             'SINGLE WAVELENGTH' 
_diffrn_radiation.pdbx_scattering_type             x-ray 
# 
_diffrn_radiation_wavelength.id           1 
_diffrn_radiation_wavelength.wavelength   1.7712 
_diffrn_radiation_wavelength.wt           1.0 
# 
_diffrn_source.diffrn_id                   1 
_diffrn_source.source                      SYNCHROTRON 
_diffrn_source.type                        'ESRF BEAMLINE BM14' 
_diffrn_source.pdbx_synchrotron_site       ESRF 
_diffrn_source.pdbx_synchrotron_beamline   BM14 
_diffrn_source.pdbx_wavelength             1.7712 
_diffrn_source.pdbx_wavelength_list        ? 
# 
_reflns.pdbx_diffrn_id               1 
_reflns.pdbx_ordinal                 1 
_reflns.entry_id                     2XF6 
_reflns.observed_criterion_sigma_I   2.0 
_reflns.observed_criterion_sigma_F   ? 
_reflns.d_resolution_low             45.38 
_reflns.d_resolution_high            2.12 
_reflns.number_obs                   2826 
_reflns.number_all                   ? 
_reflns.percent_possible_obs         99.7 
_reflns.pdbx_Rmerge_I_obs            0.06 
_reflns.pdbx_Rsym_value              ? 
_reflns.pdbx_netI_over_sigmaI        33.70 
_reflns.B_iso_Wilson_estimate        21.89 
_reflns.pdbx_redundancy              11.2 
# 
_reflns_shell.pdbx_diffrn_id         1 
_reflns_shell.pdbx_ordinal           1 
_reflns_shell.d_res_high             2.12 
_reflns_shell.d_res_low              2.24 
_reflns_shell.percent_possible_all   98.2 
_reflns_shell.Rmerge_I_obs           0.24 
_reflns_shell.pdbx_Rsym_value        ? 
_reflns_shell.meanI_over_sigI_obs    8.20 
_reflns_shell.pdbx_redundancy        8.3 
# 
_refine.pdbx_refine_id                           'X-RAY DIFFRACTION' 
_refine.entry_id                                 2XF6 
_refine.pdbx_diffrn_id                           1 
_refine.pdbx_TLS_residual_ADP_flag               ? 
_refine.ls_number_reflns_obs                     2819 
_refine.ls_number_reflns_all                     ? 
_refine.pdbx_ls_sigma_I                          ? 
_refine.pdbx_ls_sigma_F                          0.0 
_refine.pdbx_data_cutoff_high_absF               ? 
_refine.pdbx_data_cutoff_low_absF                ? 
_refine.pdbx_data_cutoff_high_rms_absF           ? 
_refine.ls_d_res_low                             45.38 
_refine.ls_d_res_high                            2.12 
_refine.ls_percent_reflns_obs                    ? 
_refine.ls_R_factor_obs                          0.2056 
_refine.ls_R_factor_all                          ? 
_refine.ls_R_factor_R_work                       0.1912 
_refine.ls_R_factor_R_free                       0.2340 
_refine.ls_R_factor_R_free_error                 ? 
_refine.ls_R_factor_R_free_error_details         ? 
_refine.ls_percent_reflns_R_free                 33.03 
_refine.ls_number_reflns_R_free                  931 
_refine.ls_number_parameters                     ? 
_refine.ls_number_restraints                     ? 
_refine.occupancy_min                            ? 
_refine.occupancy_max                            ? 
_refine.correlation_coeff_Fo_to_Fc               0.9091 
_refine.correlation_coeff_Fo_to_Fc_free          0.8498 
_refine.B_iso_mean                               29.59 
_refine.aniso_B[1][1]                            8.6389 
_refine.aniso_B[2][2]                            8.6389 
_refine.aniso_B[3][3]                            -17.2778 
_refine.aniso_B[1][2]                            0.0000 
_refine.aniso_B[1][3]                            0.0000 
_refine.aniso_B[2][3]                            0.0000 
_refine.solvent_model_details                    ? 
_refine.solvent_model_param_ksol                 ? 
_refine.solvent_model_param_bsol                 ? 
_refine.pdbx_solvent_vdw_probe_radii             ? 
_refine.pdbx_solvent_ion_probe_radii             ? 
_refine.pdbx_solvent_shrinkage_radii             ? 
_refine.pdbx_ls_cross_valid_method               THROUGHOUT 
_refine.details                                  ? 
_refine.pdbx_starting_model                      ? 
_refine.pdbx_method_to_determine_struct          'MOLECULAR REPLACEMENT' 
_refine.pdbx_isotropic_thermal_model             ? 
_refine.pdbx_stereochemistry_target_values       ? 
_refine.pdbx_stereochem_target_val_spec_case     ? 
_refine.pdbx_R_Free_selection_details            RANDOM 
_refine.pdbx_overall_ESU_R                       ? 
_refine.pdbx_overall_ESU_R_Free                  ? 
_refine.overall_SU_ML                            ? 
_refine.pdbx_overall_phase_error                 ? 
_refine.overall_SU_B                             ? 
_refine.overall_SU_R_Cruickshank_DPI             ? 
_refine.pdbx_overall_SU_R_free_Cruickshank_DPI   ? 
_refine.pdbx_overall_SU_R_Blow_DPI               ? 
_refine.pdbx_overall_SU_R_free_Blow_DPI          ? 
# 
_refine_analyze.pdbx_refine_id                  'X-RAY DIFFRACTION' 
_refine_analyze.entry_id                        2XF6 
_refine_analyze.Luzzati_coordinate_error_obs    0.302 
_refine_analyze.Luzzati_sigma_a_obs             ? 
_refine_analyze.Luzzati_d_res_low_obs           ? 
_refine_analyze.Luzzati_coordinate_error_free   ? 
_refine_analyze.Luzzati_sigma_a_free            ? 
_refine_analyze.Luzzati_d_res_low_free          ? 
_refine_analyze.number_disordered_residues      ? 
_refine_analyze.occupancy_sum_hydrogen          ? 
_refine_analyze.occupancy_sum_non_hydrogen      ? 
# 
_refine_hist.pdbx_refine_id                   'X-RAY DIFFRACTION' 
_refine_hist.cycle_id                         LAST 
_refine_hist.pdbx_number_atoms_protein        397 
_refine_hist.pdbx_number_atoms_nucleic_acid   0 
_refine_hist.pdbx_number_atoms_ligand         0 
_refine_hist.number_atoms_solvent             27 
_refine_hist.number_atoms_total               424 
_refine_hist.d_res_high                       2.12 
_refine_hist.d_res_low                        45.38 
# 
loop_
_refine_ls_restr.type 
_refine_ls_restr.dev_ideal 
_refine_ls_restr.dev_ideal_target 
_refine_ls_restr.weight 
_refine_ls_restr.number 
_refine_ls_restr.pdbx_refine_id 
_refine_ls_restr.pdbx_restraint_function 
t_bond_d                  0.015 ? 2.00  432 'X-RAY DIFFRACTION' HARMONIC     
t_angle_deg               1.06  ? 2.00  594 'X-RAY DIFFRACTION' HARMONIC     
t_dihedral_angle_d        ?     ? 2.00  143 'X-RAY DIFFRACTION' SINUSOIDAL   
t_incorr_chiral_ct        ?     ? ?     ?   'X-RAY DIFFRACTION' ?            
t_pseud_angle             ?     ? ?     ?   'X-RAY DIFFRACTION' ?            
t_trig_c_planes           ?     ? 2.00  15  'X-RAY DIFFRACTION' HARMONIC     
t_gen_planes              ?     ? 5.00  63  'X-RAY DIFFRACTION' HARMONIC     
t_it                      ?     ? 20.00 432 'X-RAY DIFFRACTION' HARMONIC     
t_nbd                     ?     ? ?     ?   'X-RAY DIFFRACTION' ?            
t_omega_torsion           4.30  ? ?     ?   'X-RAY DIFFRACTION' ?            
t_other_torsion           17.82 ? ?     ?   'X-RAY DIFFRACTION' ?            
t_improper_torsion        ?     ? ?     ?   'X-RAY DIFFRACTION' ?            
t_chiral_improper_torsion ?     ? 5.00  52  'X-RAY DIFFRACTION' SEMIHARMONIC 
t_sum_occupancies         ?     ? 1.00  3   'X-RAY DIFFRACTION' HARMONIC     
t_utility_distance        ?     ? ?     ?   'X-RAY DIFFRACTION' ?            
t_utility_angle           ?     ? ?     ?   'X-RAY DIFFRACTION' ?            
t_utility_torsion         ?     ? ?     ?   'X-RAY DIFFRACTION' ?            
t_ideal_dist_contact      ?     ? 4.00  594 'X-RAY DIFFRACTION' SEMIHARMONIC 
# 
_refine_ls_shell.pdbx_refine_id                   'X-RAY DIFFRACTION' 
_refine_ls_shell.pdbx_total_number_of_bins_used   5 
_refine_ls_shell.d_res_high                       2.12 
_refine_ls_shell.d_res_low                        2.37 
_refine_ls_shell.number_reflns_R_work             557 
_refine_ls_shell.R_factor_R_work                  0.1975 
_refine_ls_shell.percent_reflns_obs               ? 
_refine_ls_shell.R_factor_R_free                  0.2530 
_refine_ls_shell.R_factor_R_free_error            ? 
_refine_ls_shell.percent_reflns_R_free            28.95 
_refine_ls_shell.number_reflns_R_free             227 
_refine_ls_shell.number_reflns_all                784 
_refine_ls_shell.R_factor_all                     0.2130 
# 
_struct.entry_id                  2XF6 
_struct.title                     'Crystal structure of Bacillus subtilis SPP1 phage gp23.1, a putative chaperone.' 
_struct.pdbx_model_details        ? 
_struct.pdbx_CASP_flag            ? 
_struct.pdbx_model_type_details   ? 
# 
_struct_keywords.entry_id        2XF6 
_struct_keywords.pdbx_keywords   'VIRAL PROTEIN' 
_struct_keywords.text            'CHAPERONE, VIRAL PROTEIN' 
# 
loop_
_struct_asym.id 
_struct_asym.pdbx_blank_PDB_chainid_flag 
_struct_asym.pdbx_modified 
_struct_asym.entity_id 
_struct_asym.details 
A N N 1 ? 
B N N 2 ? 
# 
_struct_ref.id                         1 
_struct_ref.db_name                    UNP 
_struct_ref.db_code                    O48468_BPSPP 
_struct_ref.entity_id                  1 
_struct_ref.pdbx_seq_one_letter_code   ? 
_struct_ref.pdbx_align_begin           ? 
_struct_ref.pdbx_db_accession          O48468 
_struct_ref.pdbx_db_isoform            ? 
# 
_struct_ref_seq.align_id                      1 
_struct_ref_seq.ref_id                        1 
_struct_ref_seq.pdbx_PDB_id_code              2XF6 
_struct_ref_seq.pdbx_strand_id                A 
_struct_ref_seq.seq_align_beg                 1 
_struct_ref_seq.pdbx_seq_align_beg_ins_code   ? 
_struct_ref_seq.seq_align_end                 51 
_struct_ref_seq.pdbx_seq_align_end_ins_code   ? 
_struct_ref_seq.pdbx_db_accession             O48468 
_struct_ref_seq.db_align_beg                  1 
_struct_ref_seq.pdbx_db_align_beg_ins_code    ? 
_struct_ref_seq.db_align_end                  51 
_struct_ref_seq.pdbx_db_align_end_ins_code    ? 
_struct_ref_seq.pdbx_auth_seq_align_beg       1 
_struct_ref_seq.pdbx_auth_seq_align_end       51 
# 
_pdbx_struct_assembly.id                   1 
_pdbx_struct_assembly.details              author_and_software_defined_assembly 
_pdbx_struct_assembly.method_details       PISA 
_pdbx_struct_assembly.oligomeric_details   hexameric 
_pdbx_struct_assembly.oligomeric_count     6 
# 
loop_
_pdbx_struct_assembly_prop.biol_id 
_pdbx_struct_assembly_prop.type 
_pdbx_struct_assembly_prop.value 
_pdbx_struct_assembly_prop.details 
1 'ABSA (A^2)' 5820  ? 
1 MORE         -43.0 ? 
1 'SSA (A^2)'  14270 ? 
# 
_pdbx_struct_assembly_gen.assembly_id       1 
_pdbx_struct_assembly_gen.oper_expression   1,2,3,4,5,6 
_pdbx_struct_assembly_gen.asym_id_list      A,B 
# 
loop_
_pdbx_struct_oper_list.id 
_pdbx_struct_oper_list.type 
_pdbx_struct_oper_list.name 
_pdbx_struct_oper_list.symmetry_operation 
_pdbx_struct_oper_list.matrix[1][1] 
_pdbx_struct_oper_list.matrix[1][2] 
_pdbx_struct_oper_list.matrix[1][3] 
_pdbx_struct_oper_list.vector[1] 
_pdbx_struct_oper_list.matrix[2][1] 
_pdbx_struct_oper_list.matrix[2][2] 
_pdbx_struct_oper_list.matrix[2][3] 
_pdbx_struct_oper_list.vector[2] 
_pdbx_struct_oper_list.matrix[3][1] 
_pdbx_struct_oper_list.matrix[3][2] 
_pdbx_struct_oper_list.matrix[3][3] 
_pdbx_struct_oper_list.vector[3] 
1 'identity operation'         1_555 x,y,z     1.0000000000 0.0000000000  0.0000000000  0.0000000000 0.0000000000  1.0000000000  0.0000000000  0.0000000000  0.0000000000  0.0000000000  1.0000000000  0.0000000000   
2 'crystal symmetry operation' 3_555 -x+y,-x,z 0.9376086448 -0.3473670258 -0.0150392318 6.1934590284 -0.1812520548 -0.4514057366 -0.8737165179 22.4812290629 0.2967115127  0.8219300520  -0.4862029082 -21.0298785067 
3 'crystal symmetry operation' 6_555 x-y,x,z   0.9792028816 -0.0050456946 0.2028207524  0.9405371889 -0.1711606656 0.5161980878  0.8391922073  12.2293558734 -0.1089299921 -0.8564543626 0.5045990306  13.3503448032  
4 'crystal symmetry operation' 4_555 -x,-y,z   0.9168115265 -0.3524127204 0.1877815206  7.1339962174 -0.3524127204 -0.9352076489 -0.0345243106 34.7105849363 0.1877815206  -0.0345243106 -0.9816038776 -7.6795337035  
5 'crystal symmetry operation' 2_555 -y,x-y,z  0.9376086448 -0.1812520548 0.2967115127  4.5075352976 -0.3473670258 -0.4514057366 0.8219300520  29.5846483416 -0.0150392318 -0.8737165179 -0.4862029082 9.5105779514   
6 'crystal symmetry operation' 5_555 y,-x+y,z  0.9792028816 -0.1711606656 -0.1089299921 2.6264609198 -0.0050456946 0.5161980878  -0.8564543626 5.1259365947  0.2028207524  0.8391922073  0.5045990306  -17.1901116550 
# 
_struct_biol.id   1 
# 
loop_
_struct_conf.conf_type_id 
_struct_conf.id 
_struct_conf.pdbx_PDB_helix_id 
_struct_conf.beg_label_comp_id 
_struct_conf.beg_label_asym_id 
_struct_conf.beg_label_seq_id 
_struct_conf.pdbx_beg_PDB_ins_code 
_struct_conf.end_label_comp_id 
_struct_conf.end_label_asym_id 
_struct_conf.end_label_seq_id 
_struct_conf.pdbx_end_PDB_ins_code 
_struct_conf.beg_auth_comp_id 
_struct_conf.beg_auth_asym_id 
_struct_conf.beg_auth_seq_id 
_struct_conf.end_auth_comp_id 
_struct_conf.end_auth_asym_id 
_struct_conf.end_auth_seq_id 
_struct_conf.pdbx_PDB_helix_class 
_struct_conf.details 
_struct_conf.pdbx_PDB_helix_length 
HELX_P HELX_P1 1 LEU A 6  ? ASP A 16 ? LEU A 6  ASP A 16 1 ? 11 
HELX_P HELX_P2 2 SER A 20 ? ALA A 30 ? SER A 20 ALA A 30 1 ? 11 
HELX_P HELX_P3 3 THR A 34 ? MET A 42 ? THR A 34 MET A 42 1 ? 9  
HELX_P HELX_P4 4 GLY A 47 ? ASP A 51 ? GLY A 47 ASP A 51 5 ? 5  
# 
_struct_conf_type.id          HELX_P 
_struct_conf_type.criteria    ? 
_struct_conf_type.reference   ? 
# 
_pdbx_validate_rmsd_bond.id                        1 
_pdbx_validate_rmsd_bond.PDB_model_num             1 
_pdbx_validate_rmsd_bond.auth_atom_id_1            CB 
_pdbx_validate_rmsd_bond.auth_asym_id_1            A 
_pdbx_validate_rmsd_bond.auth_comp_id_1            SER 
_pdbx_validate_rmsd_bond.auth_seq_id_1             43 
_pdbx_validate_rmsd_bond.PDB_ins_code_1            ? 
_pdbx_validate_rmsd_bond.label_alt_id_1            A 
_pdbx_validate_rmsd_bond.auth_atom_id_2            OG 
_pdbx_validate_rmsd_bond.auth_asym_id_2            A 
_pdbx_validate_rmsd_bond.auth_comp_id_2            SER 
_pdbx_validate_rmsd_bond.auth_seq_id_2             43 
_pdbx_validate_rmsd_bond.PDB_ins_code_2            ? 
_pdbx_validate_rmsd_bond.label_alt_id_2            A 
_pdbx_validate_rmsd_bond.bond_value                1.336 
_pdbx_validate_rmsd_bond.bond_target_value         1.418 
_pdbx_validate_rmsd_bond.bond_deviation            -0.082 
_pdbx_validate_rmsd_bond.bond_standard_deviation   0.013 
_pdbx_validate_rmsd_bond.linker_flag               N 
# 
_pdbx_struct_special_symmetry.id              1 
_pdbx_struct_special_symmetry.PDB_model_num   1 
_pdbx_struct_special_symmetry.auth_asym_id    A 
_pdbx_struct_special_symmetry.auth_comp_id    HOH 
_pdbx_struct_special_symmetry.auth_seq_id     2015 
_pdbx_struct_special_symmetry.PDB_ins_code    ? 
_pdbx_struct_special_symmetry.label_asym_id   B 
_pdbx_struct_special_symmetry.label_comp_id   HOH 
_pdbx_struct_special_symmetry.label_seq_id    . 
# 
loop_
_pdbx_refine_tls.pdbx_refine_id 
_pdbx_refine_tls.id 
_pdbx_refine_tls.details 
_pdbx_refine_tls.method 
_pdbx_refine_tls.origin_x 
_pdbx_refine_tls.origin_y 
_pdbx_refine_tls.origin_z 
_pdbx_refine_tls.T[1][1] 
_pdbx_refine_tls.T[2][2] 
_pdbx_refine_tls.T[3][3] 
_pdbx_refine_tls.T[1][2] 
_pdbx_refine_tls.T[1][3] 
_pdbx_refine_tls.T[2][3] 
_pdbx_refine_tls.L[1][1] 
_pdbx_refine_tls.L[2][2] 
_pdbx_refine_tls.L[3][3] 
_pdbx_refine_tls.L[1][2] 
_pdbx_refine_tls.L[1][3] 
_pdbx_refine_tls.L[2][3] 
_pdbx_refine_tls.S[1][1] 
_pdbx_refine_tls.S[1][2] 
_pdbx_refine_tls.S[1][3] 
_pdbx_refine_tls.S[2][1] 
_pdbx_refine_tls.S[2][2] 
_pdbx_refine_tls.S[2][3] 
_pdbx_refine_tls.S[3][1] 
_pdbx_refine_tls.S[3][2] 
_pdbx_refine_tls.S[3][3] 
'X-RAY DIFFRACTION' 1 ? refined 0.9335  4.1240  -1.5340 0.0283 -0.0667 -0.0682 -0.0413 0.0143 -0.0405 1.9640  1.4021 5.5874 1.4932  -1.2542 -0.6606 -0.0797 -0.0036 -0.0215 0.0170 -0.0301 -0.0332 -0.0451 -0.1687 0.1099  
'X-RAY DIFFRACTION' 2 ? refined -2.0057 -1.7136 7.4599  0.2736 -0.1786 -0.1797 -0.0993 0.0748 -0.0044 0.7963  1.1371 1.9667 0.4555  2.5417  -1.4052 0.0992  0.0430  0.0205  0.1934 -0.0377 0.0691  0.0539  0.0128  -0.0616 
'X-RAY DIFFRACTION' 3 ? refined 0.8706  -2.7343 -3.8400 0.0078 -0.0039 -0.1011 -0.0148 0.0077 -0.0109 -0.7033 7.3082 1.7777 -1.1927 0.4216  1.7858  0.0216  0.1349  -0.1322 0.2891 -0.0250 0.0797  0.2852  0.2189  0.0034 
# 
loop_
_pdbx_refine_tls_group.pdbx_refine_id 
_pdbx_refine_tls_group.id 
_pdbx_refine_tls_group.refine_tls_id 
_pdbx_refine_tls_group.beg_auth_asym_id 
_pdbx_refine_tls_group.beg_auth_seq_id 
_pdbx_refine_tls_group.beg_label_asym_id 
_pdbx_refine_tls_group.beg_label_seq_id 
_pdbx_refine_tls_group.end_auth_asym_id 
_pdbx_refine_tls_group.end_auth_seq_id 
_pdbx_refine_tls_group.end_label_asym_id 
_pdbx_refine_tls_group.end_label_seq_id 
_pdbx_refine_tls_group.selection 
_pdbx_refine_tls_group.selection_details 
'X-RAY DIFFRACTION' 1 1 ? ? ? ? ? ? ? ? ? '(CHAIN A:2-18)'  
'X-RAY DIFFRACTION' 2 2 ? ? ? ? ? ? ? ? ? '(CHAIN A:19-32)' 
'X-RAY DIFFRACTION' 3 3 ? ? ? ? ? ? ? ? ? '(CHAIN A:33-50)' 
# 
_pdbx_unobs_or_zero_occ_residues.id               1 
_pdbx_unobs_or_zero_occ_residues.PDB_model_num    1 
_pdbx_unobs_or_zero_occ_residues.polymer_flag     Y 
_pdbx_unobs_or_zero_occ_residues.occupancy_flag   1 
_pdbx_unobs_or_zero_occ_residues.auth_asym_id     A 
_pdbx_unobs_or_zero_occ_residues.auth_comp_id     MET 
_pdbx_unobs_or_zero_occ_residues.auth_seq_id      1 
_pdbx_unobs_or_zero_occ_residues.PDB_ins_code     ? 
_pdbx_unobs_or_zero_occ_residues.label_asym_id    A 
_pdbx_unobs_or_zero_occ_residues.label_comp_id    MET 
_pdbx_unobs_or_zero_occ_residues.label_seq_id     1 
# 
loop_
_chem_comp_atom.comp_id 
_chem_comp_atom.atom_id 
_chem_comp_atom.type_symbol 
_chem_comp_atom.pdbx_aromatic_flag 
_chem_comp_atom.pdbx_stereo_config 
_chem_comp_atom.pdbx_ordinal 
ALA N    N N N 1   
ALA CA   C N S 2   
ALA C    C N N 3   
ALA O    O N N 4   
ALA CB   C N N 5   
ALA OXT  O N N 6   
ALA H    H N N 7   
ALA H2   H N N 8   
ALA HA   H N N 9   
ALA HB1  H N N 10  
ALA HB2  H N N 11  
ALA HB3  H N N 12  
ALA HXT  H N N 13  
ARG N    N N N 14  
ARG CA   C N S 15  
ARG C    C N N 16  
ARG O    O N N 17  
ARG CB   C N N 18  
ARG CG   C N N 19  
ARG CD   C N N 20  
ARG NE   N N N 21  
ARG CZ   C N N 22  
ARG NH1  N N N 23  
ARG NH2  N N N 24  
ARG OXT  O N N 25  
ARG H    H N N 26  
ARG H2   H N N 27  
ARG HA   H N N 28  
ARG HB2  H N N 29  
ARG HB3  H N N 30  
ARG HG2  H N N 31  
ARG HG3  H N N 32  
ARG HD2  H N N 33  
ARG HD3  H N N 34  
ARG HE   H N N 35  
ARG HH11 H N N 36  
ARG HH12 H N N 37  
ARG HH21 H N N 38  
ARG HH22 H N N 39  
ARG HXT  H N N 40  
ASN N    N N N 41  
ASN CA   C N S 42  
ASN C    C N N 43  
ASN O    O N N 44  
ASN CB   C N N 45  
ASN CG   C N N 46  
ASN OD1  O N N 47  
ASN ND2  N N N 48  
ASN OXT  O N N 49  
ASN H    H N N 50  
ASN H2   H N N 51  
ASN HA   H N N 52  
ASN HB2  H N N 53  
ASN HB3  H N N 54  
ASN HD21 H N N 55  
ASN HD22 H N N 56  
ASN HXT  H N N 57  
ASP N    N N N 58  
ASP CA   C N S 59  
ASP C    C N N 60  
ASP O    O N N 61  
ASP CB   C N N 62  
ASP CG   C N N 63  
ASP OD1  O N N 64  
ASP OD2  O N N 65  
ASP OXT  O N N 66  
ASP H    H N N 67  
ASP H2   H N N 68  
ASP HA   H N N 69  
ASP HB2  H N N 70  
ASP HB3  H N N 71  
ASP HD2  H N N 72  
ASP HXT  H N N 73  
GLN N    N N N 74  
GLN CA   C N S 75  
GLN C    C N N 76  
GLN O    O N N 77  
GLN CB   C N N 78  
GLN CG   C N N 79  
GLN CD   C N N 80  
GLN OE1  O N N 81  
GLN NE2  N N N 82  
GLN OXT  O N N 83  
GLN H    H N N 84  
GLN H2   H N N 85  
GLN HA   H N N 86  
GLN HB2  H N N 87  
GLN HB3  H N N 88  
GLN HG2  H N N 89  
GLN HG3  H N N 90  
GLN HE21 H N N 91  
GLN HE22 H N N 92  
GLN HXT  H N N 93  
GLU N    N N N 94  
GLU CA   C N S 95  
GLU C    C N N 96  
GLU O    O N N 97  
GLU CB   C N N 98  
GLU CG   C N N 99  
GLU CD   C N N 100 
GLU OE1  O N N 101 
GLU OE2  O N N 102 
GLU OXT  O N N 103 
GLU H    H N N 104 
GLU H2   H N N 105 
GLU HA   H N N 106 
GLU HB2  H N N 107 
GLU HB3  H N N 108 
GLU HG2  H N N 109 
GLU HG3  H N N 110 
GLU HE2  H N N 111 
GLU HXT  H N N 112 
GLY N    N N N 113 
GLY CA   C N N 114 
GLY C    C N N 115 
GLY O    O N N 116 
GLY OXT  O N N 117 
GLY H    H N N 118 
GLY H2   H N N 119 
GLY HA2  H N N 120 
GLY HA3  H N N 121 
GLY HXT  H N N 122 
HOH O    O N N 123 
HOH H1   H N N 124 
HOH H2   H N N 125 
ILE N    N N N 126 
ILE CA   C N S 127 
ILE C    C N N 128 
ILE O    O N N 129 
ILE CB   C N S 130 
ILE CG1  C N N 131 
ILE CG2  C N N 132 
ILE CD1  C N N 133 
ILE OXT  O N N 134 
ILE H    H N N 135 
ILE H2   H N N 136 
ILE HA   H N N 137 
ILE HB   H N N 138 
ILE HG12 H N N 139 
ILE HG13 H N N 140 
ILE HG21 H N N 141 
ILE HG22 H N N 142 
ILE HG23 H N N 143 
ILE HD11 H N N 144 
ILE HD12 H N N 145 
ILE HD13 H N N 146 
ILE HXT  H N N 147 
LEU N    N N N 148 
LEU CA   C N S 149 
LEU C    C N N 150 
LEU O    O N N 151 
LEU CB   C N N 152 
LEU CG   C N N 153 
LEU CD1  C N N 154 
LEU CD2  C N N 155 
LEU OXT  O N N 156 
LEU H    H N N 157 
LEU H2   H N N 158 
LEU HA   H N N 159 
LEU HB2  H N N 160 
LEU HB3  H N N 161 
LEU HG   H N N 162 
LEU HD11 H N N 163 
LEU HD12 H N N 164 
LEU HD13 H N N 165 
LEU HD21 H N N 166 
LEU HD22 H N N 167 
LEU HD23 H N N 168 
LEU HXT  H N N 169 
LYS N    N N N 170 
LYS CA   C N S 171 
LYS C    C N N 172 
LYS O    O N N 173 
LYS CB   C N N 174 
LYS CG   C N N 175 
LYS CD   C N N 176 
LYS CE   C N N 177 
LYS NZ   N N N 178 
LYS OXT  O N N 179 
LYS H    H N N 180 
LYS H2   H N N 181 
LYS HA   H N N 182 
LYS HB2  H N N 183 
LYS HB3  H N N 184 
LYS HG2  H N N 185 
LYS HG3  H N N 186 
LYS HD2  H N N 187 
LYS HD3  H N N 188 
LYS HE2  H N N 189 
LYS HE3  H N N 190 
LYS HZ1  H N N 191 
LYS HZ2  H N N 192 
LYS HZ3  H N N 193 
LYS HXT  H N N 194 
MET N    N N N 195 
MET CA   C N S 196 
MET C    C N N 197 
MET O    O N N 198 
MET CB   C N N 199 
MET CG   C N N 200 
MET SD   S N N 201 
MET CE   C N N 202 
MET OXT  O N N 203 
MET H    H N N 204 
MET H2   H N N 205 
MET HA   H N N 206 
MET HB2  H N N 207 
MET HB3  H N N 208 
MET HG2  H N N 209 
MET HG3  H N N 210 
MET HE1  H N N 211 
MET HE2  H N N 212 
MET HE3  H N N 213 
MET HXT  H N N 214 
PHE N    N N N 215 
PHE CA   C N S 216 
PHE C    C N N 217 
PHE O    O N N 218 
PHE CB   C N N 219 
PHE CG   C Y N 220 
PHE CD1  C Y N 221 
PHE CD2  C Y N 222 
PHE CE1  C Y N 223 
PHE CE2  C Y N 224 
PHE CZ   C Y N 225 
PHE OXT  O N N 226 
PHE H    H N N 227 
PHE H2   H N N 228 
PHE HA   H N N 229 
PHE HB2  H N N 230 
PHE HB3  H N N 231 
PHE HD1  H N N 232 
PHE HD2  H N N 233 
PHE HE1  H N N 234 
PHE HE2  H N N 235 
PHE HZ   H N N 236 
PHE HXT  H N N 237 
PRO N    N N N 238 
PRO CA   C N S 239 
PRO C    C N N 240 
PRO O    O N N 241 
PRO CB   C N N 242 
PRO CG   C N N 243 
PRO CD   C N N 244 
PRO OXT  O N N 245 
PRO H    H N N 246 
PRO HA   H N N 247 
PRO HB2  H N N 248 
PRO HB3  H N N 249 
PRO HG2  H N N 250 
PRO HG3  H N N 251 
PRO HD2  H N N 252 
PRO HD3  H N N 253 
PRO HXT  H N N 254 
SER N    N N N 255 
SER CA   C N S 256 
SER C    C N N 257 
SER O    O N N 258 
SER CB   C N N 259 
SER OG   O N N 260 
SER OXT  O N N 261 
SER H    H N N 262 
SER H2   H N N 263 
SER HA   H N N 264 
SER HB2  H N N 265 
SER HB3  H N N 266 
SER HG   H N N 267 
SER HXT  H N N 268 
THR N    N N N 269 
THR CA   C N S 270 
THR C    C N N 271 
THR O    O N N 272 
THR CB   C N R 273 
THR OG1  O N N 274 
THR CG2  C N N 275 
THR OXT  O N N 276 
THR H    H N N 277 
THR H2   H N N 278 
THR HA   H N N 279 
THR HB   H N N 280 
THR HG1  H N N 281 
THR HG21 H N N 282 
THR HG22 H N N 283 
THR HG23 H N N 284 
THR HXT  H N N 285 
TRP N    N N N 286 
TRP CA   C N S 287 
TRP C    C N N 288 
TRP O    O N N 289 
TRP CB   C N N 290 
TRP CG   C Y N 291 
TRP CD1  C Y N 292 
TRP CD2  C Y N 293 
TRP NE1  N Y N 294 
TRP CE2  C Y N 295 
TRP CE3  C Y N 296 
TRP CZ2  C Y N 297 
TRP CZ3  C Y N 298 
TRP CH2  C Y N 299 
TRP OXT  O N N 300 
TRP H    H N N 301 
TRP H2   H N N 302 
TRP HA   H N N 303 
TRP HB2  H N N 304 
TRP HB3  H N N 305 
TRP HD1  H N N 306 
TRP HE1  H N N 307 
TRP HE3  H N N 308 
TRP HZ2  H N N 309 
TRP HZ3  H N N 310 
TRP HH2  H N N 311 
TRP HXT  H N N 312 
TYR N    N N N 313 
TYR CA   C N S 314 
TYR C    C N N 315 
TYR O    O N N 316 
TYR CB   C N N 317 
TYR CG   C Y N 318 
TYR CD1  C Y N 319 
TYR CD2  C Y N 320 
TYR CE1  C Y N 321 
TYR CE2  C Y N 322 
TYR CZ   C Y N 323 
TYR OH   O N N 324 
TYR OXT  O N N 325 
TYR H    H N N 326 
TYR H2   H N N 327 
TYR HA   H N N 328 
TYR HB2  H N N 329 
TYR HB3  H N N 330 
TYR HD1  H N N 331 
TYR HD2  H N N 332 
TYR HE1  H N N 333 
TYR HE2  H N N 334 
TYR HH   H N N 335 
TYR HXT  H N N 336 
VAL N    N N N 337 
VAL CA   C N S 338 
VAL C    C N N 339 
VAL O    O N N 340 
VAL CB   C N N 341 
VAL CG1  C N N 342 
VAL CG2  C N N 343 
VAL OXT  O N N 344 
VAL H    H N N 345 
VAL H2   H N N 346 
VAL HA   H N N 347 
VAL HB   H N N 348 
VAL HG11 H N N 349 
VAL HG12 H N N 350 
VAL HG13 H N N 351 
VAL HG21 H N N 352 
VAL HG22 H N N 353 
VAL HG23 H N N 354 
VAL HXT  H N N 355 
# 
loop_
_chem_comp_bond.comp_id 
_chem_comp_bond.atom_id_1 
_chem_comp_bond.atom_id_2 
_chem_comp_bond.value_order 
_chem_comp_bond.pdbx_aromatic_flag 
_chem_comp_bond.pdbx_stereo_config 
_chem_comp_bond.pdbx_ordinal 
ALA N   CA   sing N N 1   
ALA N   H    sing N N 2   
ALA N   H2   sing N N 3   
ALA CA  C    sing N N 4   
ALA CA  CB   sing N N 5   
ALA CA  HA   sing N N 6   
ALA C   O    doub N N 7   
ALA C   OXT  sing N N 8   
ALA CB  HB1  sing N N 9   
ALA CB  HB2  sing N N 10  
ALA CB  HB3  sing N N 11  
ALA OXT HXT  sing N N 12  
ARG N   CA   sing N N 13  
ARG N   H    sing N N 14  
ARG N   H2   sing N N 15  
ARG CA  C    sing N N 16  
ARG CA  CB   sing N N 17  
ARG CA  HA   sing N N 18  
ARG C   O    doub N N 19  
ARG C   OXT  sing N N 20  
ARG CB  CG   sing N N 21  
ARG CB  HB2  sing N N 22  
ARG CB  HB3  sing N N 23  
ARG CG  CD   sing N N 24  
ARG CG  HG2  sing N N 25  
ARG CG  HG3  sing N N 26  
ARG CD  NE   sing N N 27  
ARG CD  HD2  sing N N 28  
ARG CD  HD3  sing N N 29  
ARG NE  CZ   sing N N 30  
ARG NE  HE   sing N N 31  
ARG CZ  NH1  sing N N 32  
ARG CZ  NH2  doub N N 33  
ARG NH1 HH11 sing N N 34  
ARG NH1 HH12 sing N N 35  
ARG NH2 HH21 sing N N 36  
ARG NH2 HH22 sing N N 37  
ARG OXT HXT  sing N N 38  
ASN N   CA   sing N N 39  
ASN N   H    sing N N 40  
ASN N   H2   sing N N 41  
ASN CA  C    sing N N 42  
ASN CA  CB   sing N N 43  
ASN CA  HA   sing N N 44  
ASN C   O    doub N N 45  
ASN C   OXT  sing N N 46  
ASN CB  CG   sing N N 47  
ASN CB  HB2  sing N N 48  
ASN CB  HB3  sing N N 49  
ASN CG  OD1  doub N N 50  
ASN CG  ND2  sing N N 51  
ASN ND2 HD21 sing N N 52  
ASN ND2 HD22 sing N N 53  
ASN OXT HXT  sing N N 54  
ASP N   CA   sing N N 55  
ASP N   H    sing N N 56  
ASP N   H2   sing N N 57  
ASP CA  C    sing N N 58  
ASP CA  CB   sing N N 59  
ASP CA  HA   sing N N 60  
ASP C   O    doub N N 61  
ASP C   OXT  sing N N 62  
ASP CB  CG   sing N N 63  
ASP CB  HB2  sing N N 64  
ASP CB  HB3  sing N N 65  
ASP CG  OD1  doub N N 66  
ASP CG  OD2  sing N N 67  
ASP OD2 HD2  sing N N 68  
ASP OXT HXT  sing N N 69  
GLN N   CA   sing N N 70  
GLN N   H    sing N N 71  
GLN N   H2   sing N N 72  
GLN CA  C    sing N N 73  
GLN CA  CB   sing N N 74  
GLN CA  HA   sing N N 75  
GLN C   O    doub N N 76  
GLN C   OXT  sing N N 77  
GLN CB  CG   sing N N 78  
GLN CB  HB2  sing N N 79  
GLN CB  HB3  sing N N 80  
GLN CG  CD   sing N N 81  
GLN CG  HG2  sing N N 82  
GLN CG  HG3  sing N N 83  
GLN CD  OE1  doub N N 84  
GLN CD  NE2  sing N N 85  
GLN NE2 HE21 sing N N 86  
GLN NE2 HE22 sing N N 87  
GLN OXT HXT  sing N N 88  
GLU N   CA   sing N N 89  
GLU N   H    sing N N 90  
GLU N   H2   sing N N 91  
GLU CA  C    sing N N 92  
GLU CA  CB   sing N N 93  
GLU CA  HA   sing N N 94  
GLU C   O    doub N N 95  
GLU C   OXT  sing N N 96  
GLU CB  CG   sing N N 97  
GLU CB  HB2  sing N N 98  
GLU CB  HB3  sing N N 99  
GLU CG  CD   sing N N 100 
GLU CG  HG2  sing N N 101 
GLU CG  HG3  sing N N 102 
GLU CD  OE1  doub N N 103 
GLU CD  OE2  sing N N 104 
GLU OE2 HE2  sing N N 105 
GLU OXT HXT  sing N N 106 
GLY N   CA   sing N N 107 
GLY N   H    sing N N 108 
GLY N   H2   sing N N 109 
GLY CA  C    sing N N 110 
GLY CA  HA2  sing N N 111 
GLY CA  HA3  sing N N 112 
GLY C   O    doub N N 113 
GLY C   OXT  sing N N 114 
GLY OXT HXT  sing N N 115 
HOH O   H1   sing N N 116 
HOH O   H2   sing N N 117 
ILE N   CA   sing N N 118 
ILE N   H    sing N N 119 
ILE N   H2   sing N N 120 
ILE CA  C    sing N N 121 
ILE CA  CB   sing N N 122 
ILE CA  HA   sing N N 123 
ILE C   O    doub N N 124 
ILE C   OXT  sing N N 125 
ILE CB  CG1  sing N N 126 
ILE CB  CG2  sing N N 127 
ILE CB  HB   sing N N 128 
ILE CG1 CD1  sing N N 129 
ILE CG1 HG12 sing N N 130 
ILE CG1 HG13 sing N N 131 
ILE CG2 HG21 sing N N 132 
ILE CG2 HG22 sing N N 133 
ILE CG2 HG23 sing N N 134 
ILE CD1 HD11 sing N N 135 
ILE CD1 HD12 sing N N 136 
ILE CD1 HD13 sing N N 137 
ILE OXT HXT  sing N N 138 
LEU N   CA   sing N N 139 
LEU N   H    sing N N 140 
LEU N   H2   sing N N 141 
LEU CA  C    sing N N 142 
LEU CA  CB   sing N N 143 
LEU CA  HA   sing N N 144 
LEU C   O    doub N N 145 
LEU C   OXT  sing N N 146 
LEU CB  CG   sing N N 147 
LEU CB  HB2  sing N N 148 
LEU CB  HB3  sing N N 149 
LEU CG  CD1  sing N N 150 
LEU CG  CD2  sing N N 151 
LEU CG  HG   sing N N 152 
LEU CD1 HD11 sing N N 153 
LEU CD1 HD12 sing N N 154 
LEU CD1 HD13 sing N N 155 
LEU CD2 HD21 sing N N 156 
LEU CD2 HD22 sing N N 157 
LEU CD2 HD23 sing N N 158 
LEU OXT HXT  sing N N 159 
LYS N   CA   sing N N 160 
LYS N   H    sing N N 161 
LYS N   H2   sing N N 162 
LYS CA  C    sing N N 163 
LYS CA  CB   sing N N 164 
LYS CA  HA   sing N N 165 
LYS C   O    doub N N 166 
LYS C   OXT  sing N N 167 
LYS CB  CG   sing N N 168 
LYS CB  HB2  sing N N 169 
LYS CB  HB3  sing N N 170 
LYS CG  CD   sing N N 171 
LYS CG  HG2  sing N N 172 
LYS CG  HG3  sing N N 173 
LYS CD  CE   sing N N 174 
LYS CD  HD2  sing N N 175 
LYS CD  HD3  sing N N 176 
LYS CE  NZ   sing N N 177 
LYS CE  HE2  sing N N 178 
LYS CE  HE3  sing N N 179 
LYS NZ  HZ1  sing N N 180 
LYS NZ  HZ2  sing N N 181 
LYS NZ  HZ3  sing N N 182 
LYS OXT HXT  sing N N 183 
MET N   CA   sing N N 184 
MET N   H    sing N N 185 
MET N   H2   sing N N 186 
MET CA  C    sing N N 187 
MET CA  CB   sing N N 188 
MET CA  HA   sing N N 189 
MET C   O    doub N N 190 
MET C   OXT  sing N N 191 
MET CB  CG   sing N N 192 
MET CB  HB2  sing N N 193 
MET CB  HB3  sing N N 194 
MET CG  SD   sing N N 195 
MET CG  HG2  sing N N 196 
MET CG  HG3  sing N N 197 
MET SD  CE   sing N N 198 
MET CE  HE1  sing N N 199 
MET CE  HE2  sing N N 200 
MET CE  HE3  sing N N 201 
MET OXT HXT  sing N N 202 
PHE N   CA   sing N N 203 
PHE N   H    sing N N 204 
PHE N   H2   sing N N 205 
PHE CA  C    sing N N 206 
PHE CA  CB   sing N N 207 
PHE CA  HA   sing N N 208 
PHE C   O    doub N N 209 
PHE C   OXT  sing N N 210 
PHE CB  CG   sing N N 211 
PHE CB  HB2  sing N N 212 
PHE CB  HB3  sing N N 213 
PHE CG  CD1  doub Y N 214 
PHE CG  CD2  sing Y N 215 
PHE CD1 CE1  sing Y N 216 
PHE CD1 HD1  sing N N 217 
PHE CD2 CE2  doub Y N 218 
PHE CD2 HD2  sing N N 219 
PHE CE1 CZ   doub Y N 220 
PHE CE1 HE1  sing N N 221 
PHE CE2 CZ   sing Y N 222 
PHE CE2 HE2  sing N N 223 
PHE CZ  HZ   sing N N 224 
PHE OXT HXT  sing N N 225 
PRO N   CA   sing N N 226 
PRO N   CD   sing N N 227 
PRO N   H    sing N N 228 
PRO CA  C    sing N N 229 
PRO CA  CB   sing N N 230 
PRO CA  HA   sing N N 231 
PRO C   O    doub N N 232 
PRO C   OXT  sing N N 233 
PRO CB  CG   sing N N 234 
PRO CB  HB2  sing N N 235 
PRO CB  HB3  sing N N 236 
PRO CG  CD   sing N N 237 
PRO CG  HG2  sing N N 238 
PRO CG  HG3  sing N N 239 
PRO CD  HD2  sing N N 240 
PRO CD  HD3  sing N N 241 
PRO OXT HXT  sing N N 242 
SER N   CA   sing N N 243 
SER N   H    sing N N 244 
SER N   H2   sing N N 245 
SER CA  C    sing N N 246 
SER CA  CB   sing N N 247 
SER CA  HA   sing N N 248 
SER C   O    doub N N 249 
SER C   OXT  sing N N 250 
SER CB  OG   sing N N 251 
SER CB  HB2  sing N N 252 
SER CB  HB3  sing N N 253 
SER OG  HG   sing N N 254 
SER OXT HXT  sing N N 255 
THR N   CA   sing N N 256 
THR N   H    sing N N 257 
THR N   H2   sing N N 258 
THR CA  C    sing N N 259 
THR CA  CB   sing N N 260 
THR CA  HA   sing N N 261 
THR C   O    doub N N 262 
THR C   OXT  sing N N 263 
THR CB  OG1  sing N N 264 
THR CB  CG2  sing N N 265 
THR CB  HB   sing N N 266 
THR OG1 HG1  sing N N 267 
THR CG2 HG21 sing N N 268 
THR CG2 HG22 sing N N 269 
THR CG2 HG23 sing N N 270 
THR OXT HXT  sing N N 271 
TRP N   CA   sing N N 272 
TRP N   H    sing N N 273 
TRP N   H2   sing N N 274 
TRP CA  C    sing N N 275 
TRP CA  CB   sing N N 276 
TRP CA  HA   sing N N 277 
TRP C   O    doub N N 278 
TRP C   OXT  sing N N 279 
TRP CB  CG   sing N N 280 
TRP CB  HB2  sing N N 281 
TRP CB  HB3  sing N N 282 
TRP CG  CD1  doub Y N 283 
TRP CG  CD2  sing Y N 284 
TRP CD1 NE1  sing Y N 285 
TRP CD1 HD1  sing N N 286 
TRP CD2 CE2  doub Y N 287 
TRP CD2 CE3  sing Y N 288 
TRP NE1 CE2  sing Y N 289 
TRP NE1 HE1  sing N N 290 
TRP CE2 CZ2  sing Y N 291 
TRP CE3 CZ3  doub Y N 292 
TRP CE3 HE3  sing N N 293 
TRP CZ2 CH2  doub Y N 294 
TRP CZ2 HZ2  sing N N 295 
TRP CZ3 CH2  sing Y N 296 
TRP CZ3 HZ3  sing N N 297 
TRP CH2 HH2  sing N N 298 
TRP OXT HXT  sing N N 299 
TYR N   CA   sing N N 300 
TYR N   H    sing N N 301 
TYR N   H2   sing N N 302 
TYR CA  C    sing N N 303 
TYR CA  CB   sing N N 304 
TYR CA  HA   sing N N 305 
TYR C   O    doub N N 306 
TYR C   OXT  sing N N 307 
TYR CB  CG   sing N N 308 
TYR CB  HB2  sing N N 309 
TYR CB  HB3  sing N N 310 
TYR CG  CD1  doub Y N 311 
TYR CG  CD2  sing Y N 312 
TYR CD1 CE1  sing Y N 313 
TYR CD1 HD1  sing N N 314 
TYR CD2 CE2  doub Y N 315 
TYR CD2 HD2  sing N N 316 
TYR CE1 CZ   doub Y N 317 
TYR CE1 HE1  sing N N 318 
TYR CE2 CZ   sing Y N 319 
TYR CE2 HE2  sing N N 320 
TYR CZ  OH   sing N N 321 
TYR OH  HH   sing N N 322 
TYR OXT HXT  sing N N 323 
VAL N   CA   sing N N 324 
VAL N   H    sing N N 325 
VAL N   H2   sing N N 326 
VAL CA  C    sing N N 327 
VAL CA  CB   sing N N 328 
VAL CA  HA   sing N N 329 
VAL C   O    doub N N 330 
VAL C   OXT  sing N N 331 
VAL CB  CG1  sing N N 332 
VAL CB  CG2  sing N N 333 
VAL CB  HB   sing N N 334 
VAL CG1 HG11 sing N N 335 
VAL CG1 HG12 sing N N 336 
VAL CG1 HG13 sing N N 337 
VAL CG2 HG21 sing N N 338 
VAL CG2 HG22 sing N N 339 
VAL CG2 HG23 sing N N 340 
VAL OXT HXT  sing N N 341 
# 
_atom_sites.entry_id                    2XF6 
_atom_sites.fract_transf_matrix[1][1]   0.00434253 
_atom_sites.fract_transf_matrix[1][2]   0.02106583 
_atom_sites.fract_transf_matrix[1][3]   -0.00479255 
_atom_sites.fract_transf_matrix[2][1]   0.00317385 
_atom_sites.fract_transf_matrix[2][2]   0.00610881 
_atom_sites.fract_transf_matrix[2][3]   -0.02093309 
_atom_sites.fract_transf_matrix[3][1]   -0.03188838 
_atom_sites.fract_transf_matrix[3][2]   0.00586279 
_atom_sites.fract_transf_matrix[3][3]   -0.00312396 
_atom_sites.fract_transf_vector[1]      -0.399496 
_atom_sites.fract_transf_vector[2]      -0.197719 
_atom_sites.fract_transf_vector[3]      0.010292 
# 
loop_
_atom_type.symbol 
C 
N 
O 
S 
# 
loop_
_atom_site.group_PDB 
_atom_site.id 
_atom_site.type_symbol 
_atom_site.label_atom_id 
_atom_site.label_alt_id 
_atom_site.label_comp_id 
_atom_site.label_asym_id 
_atom_site.label_entity_id 
_atom_site.label_seq_id 
_atom_site.pdbx_PDB_ins_code 
_atom_site.Cartn_x 
_atom_site.Cartn_y 
_atom_site.Cartn_z 
_atom_site.occupancy 
_atom_site.B_iso_or_equiv 
_atom_site.pdbx_formal_charge 
_atom_site.auth_seq_id 
_atom_site.auth_comp_id 
_atom_site.auth_asym_id 
_atom_site.auth_atom_id 
_atom_site.pdbx_PDB_model_num 
ATOM   1   N N   . SER A 1 2  ? -14.649 5.533   -5.092  1.00 47.28 ? 2    SER A N   1 
ATOM   2   C CA  . SER A 1 2  ? -13.323 6.190   -5.261  1.00 44.80 ? 2    SER A CA  1 
ATOM   3   C C   . SER A 1 2  ? -12.431 5.846   -4.081  1.00 45.94 ? 2    SER A C   1 
ATOM   4   O O   . SER A 1 2  ? -12.915 5.467   -3.010  1.00 46.41 ? 2    SER A O   1 
ATOM   5   C CB  . SER A 1 2  ? -13.477 7.707   -5.407  1.00 49.81 ? 2    SER A CB  1 
ATOM   6   O OG  . SER A 1 2  ? -14.177 8.261   -4.307  1.00 61.89 ? 2    SER A OG  1 
ATOM   7   N N   . GLU A 1 3  ? -11.127 5.989   -4.284  1.00 39.55 ? 3    GLU A N   1 
ATOM   8   C CA  . GLU A 1 3  ? -10.142 5.502   -3.331  1.00 36.87 ? 3    GLU A CA  1 
ATOM   9   C C   . GLU A 1 3  ? -9.941  6.408   -2.119  1.00 37.39 ? 3    GLU A C   1 
ATOM   10  O O   . GLU A 1 3  ? -10.307 7.588   -2.136  1.00 38.24 ? 3    GLU A O   1 
ATOM   11  C CB  . GLU A 1 3  ? -8.808  5.241   -4.040  1.00 36.73 ? 3    GLU A CB  1 
ATOM   12  C CG  . GLU A 1 3  ? -8.295  6.401   -4.884  1.00 48.30 ? 3    GLU A CG  1 
ATOM   13  C CD  . GLU A 1 3  ? -7.297  5.962   -5.942  1.00 63.92 ? 3    GLU A CD  1 
ATOM   14  O OE1 . GLU A 1 3  ? -7.024  4.742   -6.056  1.00 63.76 ? 3    GLU A OE1 1 
ATOM   15  O OE2 . GLU A 1 3  ? -6.789  6.844   -6.672  1.00 52.59 ? 3    GLU A OE2 1 
ATOM   16  N N   . SER A 1 4  ? -9.363  5.828   -1.069  1.00 30.80 ? 4    SER A N   1 
ATOM   17  C CA  . SER A 1 4  ? -8.958  6.564   0.119   1.00 29.42 ? 4    SER A CA  1 
ATOM   18  C C   . SER A 1 4  ? -7.914  7.605   -0.263  1.00 30.74 ? 4    SER A C   1 
ATOM   19  O O   . SER A 1 4  ? -7.113  7.385   -1.177  1.00 28.89 ? 4    SER A O   1 
ATOM   20  C CB  . SER A 1 4  ? -8.387  5.608   1.166   1.00 31.68 ? 4    SER A CB  1 
ATOM   21  O OG  . SER A 1 4  ? -9.319  4.594   1.500   1.00 42.50 ? 4    SER A OG  1 
ATOM   22  N N   . LEU A 1 5  ? -7.933  8.736   0.437   1.00 27.83 ? 5    LEU A N   1 
ATOM   23  C CA  . LEU A 1 5  ? -7.040  9.861   0.152   1.00 27.45 ? 5    LEU A CA  1 
ATOM   24  C C   . LEU A 1 5  ? -5.571  9.444   0.072   1.00 26.83 ? 5    LEU A C   1 
ATOM   25  O O   . LEU A 1 5  ? -4.815  9.967   -0.752  1.00 25.66 ? 5    LEU A O   1 
ATOM   26  C CB  . LEU A 1 5  ? -7.228  10.965  1.200   1.00 28.85 ? 5    LEU A CB  1 
ATOM   27  C CG  . LEU A 1 5  ? -6.598  12.345  0.962   1.00 35.09 ? 5    LEU A CG  1 
ATOM   28  C CD1 . LEU A 1 5  ? -7.499  13.444  1.503   1.00 37.93 ? 5    LEU A CD1 1 
ATOM   29  C CD2 . LEU A 1 5  ? -5.197  12.451  1.563   1.00 37.11 ? 5    LEU A CD2 1 
ATOM   30  N N   . LEU A 1 6  ? -5.181  8.496   0.920   1.00 20.86 ? 6    LEU A N   1 
ATOM   31  C CA  . LEU A 1 6  ? -3.784  8.085   1.031   1.00 18.44 ? 6    LEU A CA  1 
ATOM   32  C C   . LEU A 1 6  ? -3.428  6.842   0.204   1.00 20.13 ? 6    LEU A C   1 
ATOM   33  O O   . LEU A 1 6  ? -2.387  6.224   0.435   1.00 18.62 ? 6    LEU A O   1 
ATOM   34  C CB  . LEU A 1 6  ? -3.408  7.885   2.506   1.00 18.26 ? 6    LEU A CB  1 
ATOM   35  C CG  . LEU A 1 6  ? -3.485  9.117   3.417   1.00 23.61 ? 6    LEU A CG  1 
ATOM   36  C CD1 . LEU A 1 6  ? -3.557  8.703   4.878   1.00 23.52 ? 6    LEU A CD1 1 
ATOM   37  C CD2 . LEU A 1 6  ? -2.316  10.073  3.177   1.00 25.52 ? 6    LEU A CD2 1 
ATOM   38  N N   . TYR A 1 7  ? -4.278  6.487   -0.762  1.00 16.99 ? 7    TYR A N   1 
ATOM   39  C CA  . TYR A 1 7  ? -4.015  5.326   -1.618  1.00 16.42 ? 7    TYR A CA  1 
ATOM   40  C C   . TYR A 1 7  ? -2.728  5.489   -2.424  1.00 19.63 ? 7    TYR A C   1 
ATOM   41  O O   . TYR A 1 7  ? -1.882  4.595   -2.433  1.00 17.76 ? 7    TYR A O   1 
ATOM   42  C CB  . TYR A 1 7  ? -5.192  5.023   -2.555  1.00 17.34 ? 7    TYR A CB  1 
ATOM   43  C CG  . TYR A 1 7  ? -4.939  3.835   -3.465  1.00 17.20 ? 7    TYR A CG  1 
ATOM   44  C CD1 . TYR A 1 7  ? -5.190  2.534   -3.031  1.00 18.45 ? 7    TYR A CD1 1 
ATOM   45  C CD2 . TYR A 1 7  ? -4.431  4.013   -4.753  1.00 17.43 ? 7    TYR A CD2 1 
ATOM   46  C CE1 . TYR A 1 7  ? -4.954  1.441   -3.859  1.00 17.99 ? 7    TYR A CE1 1 
ATOM   47  C CE2 . TYR A 1 7  ? -4.191  2.928   -5.588  1.00 18.24 ? 7    TYR A CE2 1 
ATOM   48  C CZ  . TYR A 1 7  ? -4.453  1.645   -5.135  1.00 23.14 ? 7    TYR A CZ  1 
ATOM   49  O OH  . TYR A 1 7  ? -4.217  0.570   -5.959  1.00 21.41 ? 7    TYR A OH  1 
ATOM   50  N N   . GLY A 1 8  ? -2.594  6.632   -3.096  1.00 18.32 ? 8    GLY A N   1 
ATOM   51  C CA  . GLY A 1 8  ? -1.406  6.943   -3.890  1.00 17.54 ? 8    GLY A CA  1 
ATOM   52  C C   . GLY A 1 8  ? -0.143  7.036   -3.056  1.00 21.36 ? 8    GLY A C   1 
ATOM   53  O O   . GLY A 1 8  ? 0.947   6.706   -3.528  1.00 20.85 ? 8    GLY A O   1 
ATOM   54  N N   . TYR A 1 9  ? -0.299  7.486   -1.812  1.00 18.38 ? 9    TYR A N   1 
ATOM   55  C CA  . TYR A 1 9  ? 0.802   7.581   -0.856  1.00 17.71 ? 9    TYR A CA  1 
ATOM   56  C C   . TYR A 1 9  ? 1.305   6.199   -0.432  1.00 20.27 ? 9    TYR A C   1 
ATOM   57  O O   . TYR A 1 9  ? 2.513   5.948   -0.431  1.00 20.20 ? 9    TYR A O   1 
ATOM   58  C CB  . TYR A 1 9  ? 0.375   8.407   0.365   1.00 19.74 ? 9    TYR A CB  1 
ATOM   59  C CG  . TYR A 1 9  ? 1.363   8.398   1.514   1.00 21.68 ? 9    TYR A CG  1 
ATOM   60  C CD1 . TYR A 1 9  ? 2.507   9.197   1.482   1.00 23.91 ? 9    TYR A CD1 1 
ATOM   61  C CD2 . TYR A 1 9  ? 1.149   7.598   2.636   1.00 22.40 ? 9    TYR A CD2 1 
ATOM   62  C CE1 . TYR A 1 9  ? 3.416   9.192   2.538   1.00 25.60 ? 9    TYR A CE1 1 
ATOM   63  C CE2 . TYR A 1 9  ? 2.050   7.585   3.694   1.00 23.25 ? 9    TYR A CE2 1 
ATOM   64  C CZ  . TYR A 1 9  ? 3.180   8.384   3.639   1.00 29.87 ? 9    TYR A CZ  1 
ATOM   65  O OH  . TYR A 1 9  ? 4.072   8.374   4.685   1.00 31.67 ? 9    TYR A OH  1 
ATOM   66  N N   . PHE A 1 10 ? 0.376   5.313   -0.073  1.00 15.39 ? 10   PHE A N   1 
ATOM   67  C CA  . PHE A 1 10 ? 0.722   3.959   0.362   1.00 15.22 ? 10   PHE A CA  1 
ATOM   68  C C   . PHE A 1 10 ? 1.141   3.048   -0.793  1.00 20.42 ? 10   PHE A C   1 
ATOM   69  O O   . PHE A 1 10 ? 1.894   2.092   -0.591  1.00 22.03 ? 10   PHE A O   1 
ATOM   70  C CB  . PHE A 1 10 ? -0.420  3.325   1.165   1.00 16.68 ? 10   PHE A CB  1 
ATOM   71  C CG  . PHE A 1 10 ? -0.538  3.848   2.573   1.00 17.85 ? 10   PHE A CG  1 
ATOM   72  C CD1 . PHE A 1 10 ? 0.471   3.619   3.505   1.00 20.28 ? 10   PHE A CD1 1 
ATOM   73  C CD2 . PHE A 1 10 ? -1.665  4.561   2.972   1.00 19.73 ? 10   PHE A CD2 1 
ATOM   74  C CE1 . PHE A 1 10 ? 0.363   4.101   4.806   1.00 21.24 ? 10   PHE A CE1 1 
ATOM   75  C CE2 . PHE A 1 10 ? -1.782  5.044   4.273   1.00 22.50 ? 10   PHE A CE2 1 
ATOM   76  C CZ  . PHE A 1 10 ? -0.767  4.813   5.191   1.00 20.54 ? 10   PHE A CZ  1 
ATOM   77  N N   . LEU A 1 11 ? 0.647   3.345   -1.994  1.00 16.39 ? 11   LEU A N   1 
ATOM   78  C CA  . LEU A 1 11 ? 1.061   2.631   -3.202  1.00 15.88 ? 11   LEU A CA  1 
ATOM   79  C C   . LEU A 1 11 ? 2.502   2.983   -3.568  1.00 19.55 ? 11   LEU A C   1 
ATOM   80  O O   . LEU A 1 11 ? 3.273   2.117   -3.985  1.00 19.21 ? 11   LEU A O   1 
ATOM   81  C CB  . LEU A 1 11 ? 0.115   2.937   -4.370  1.00 16.76 ? 11   LEU A CB  1 
ATOM   82  C CG  . LEU A 1 11 ? 0.408   2.332   -5.751  1.00 21.43 ? 11   LEU A CG  1 
ATOM   83  C CD1 . LEU A 1 11 ? 0.488   0.813   -5.692  1.00 22.32 ? 11   LEU A CD1 1 
ATOM   84  C CD2 . LEU A 1 11 ? -0.637  2.772   -6.761  1.00 23.78 ? 11   LEU A CD2 1 
ATOM   85  N N   . ASP A 1 12 ? 2.851   4.259   -3.400  1.00 15.93 ? 12   ASP A N   1 
ATOM   86  C CA  . ASP A 1 12 ? 4.201   4.753   -3.666  1.00 15.60 ? 12   ASP A CA  1 
ATOM   87  C C   . ASP A 1 12 ? 5.226   4.143   -2.710  1.00 20.93 ? 12   ASP A C   1 
ATOM   88  O O   . ASP A 1 12 ? 6.339   3.811   -3.119  1.00 21.03 ? 12   ASP A O   1 
ATOM   89  C CB  . ASP A 1 12 ? 4.237   6.284   -3.576  1.00 16.90 ? 12   ASP A CB  1 
ATOM   90  C CG  . ASP A 1 12 ? 5.602   6.864   -3.914  1.00 22.83 ? 12   ASP A CG  1 
ATOM   91  O OD1 . ASP A 1 12 ? 6.122   6.585   -5.015  1.00 22.72 ? 12   ASP A OD1 1 
ATOM   92  O OD2 . ASP A 1 12 ? 6.151   7.609   -3.076  1.00 29.33 ? 12   ASP A OD2 1 
ATOM   93  N N   . SER A 1 13 ? 4.836   3.995   -1.445  1.00 17.13 ? 13   SER A N   1 
ATOM   94  C CA  . SER A 1 13 ? 5.706   3.433   -0.409  1.00 17.39 ? 13   SER A CA  1 
ATOM   95  C C   . SER A 1 13 ? 5.962   1.935   -0.599  1.00 20.04 ? 13   SER A C   1 
ATOM   96  O O   . SER A 1 13 ? 6.991   1.413   -0.162  1.00 19.72 ? 13   SER A O   1 
ATOM   97  C CB  . SER A 1 13 ? 5.130   3.707   0.981   1.00 22.13 ? 13   SER A CB  1 
ATOM   98  O OG  . SER A 1 13 ? 3.846   3.129   1.127   1.00 30.68 ? 13   SER A OG  1 
ATOM   99  N N   . TRP A 1 14 ? 5.017   1.253   -1.240  1.00 15.92 ? 14   TRP A N   1 
ATOM   100 C CA  . TRP A 1 14 ? 5.170   -0.154  -1.598  1.00 16.10 ? 14   TRP A CA  1 
ATOM   101 C C   . TRP A 1 14 ? 6.088   -0.283  -2.809  1.00 20.97 ? 14   TRP A C   1 
ATOM   102 O O   . TRP A 1 14 ? 6.943   -1.171  -2.860  1.00 21.82 ? 14   TRP A O   1 
ATOM   103 C CB  . TRP A 1 14 ? 3.802   -0.763  -1.908  1.00 14.21 ? 14   TRP A CB  1 
ATOM   104 C CG  . TRP A 1 14 ? 3.830   -2.219  -2.285  1.00 15.75 ? 14   TRP A CG  1 
ATOM   105 C CD1 . TRP A 1 14 ? 3.840   -2.740  -3.549  1.00 18.99 ? 14   TRP A CD1 1 
ATOM   106 C CD2 . TRP A 1 14 ? 3.834   -3.338  -1.390  1.00 16.43 ? 14   TRP A CD2 1 
ATOM   107 N NE1 . TRP A 1 14 ? 3.856   -4.113  -3.495  1.00 19.83 ? 14   TRP A NE1 1 
ATOM   108 C CE2 . TRP A 1 14 ? 3.853   -4.507  -2.183  1.00 21.26 ? 14   TRP A CE2 1 
ATOM   109 C CE3 . TRP A 1 14 ? 3.828   -3.466  0.005   1.00 17.94 ? 14   TRP A CE3 1 
ATOM   110 C CZ2 . TRP A 1 14 ? 3.865   -5.791  -1.627  1.00 22.03 ? 14   TRP A CZ2 1 
ATOM   111 C CZ3 . TRP A 1 14 ? 3.840   -4.743  0.559   1.00 20.72 ? 14   TRP A CZ3 1 
ATOM   112 C CH2 . TRP A 1 14 ? 3.859   -5.888  -0.258  1.00 22.51 ? 14   TRP A CH2 1 
ATOM   113 N N   . LEU A 1 15 ? 5.899   0.614   -3.775  1.00 17.38 ? 15   LEU A N   1 
ATOM   114 C CA  . LEU A 1 15 ? 6.667   0.609   -5.018  1.00 17.48 ? 15   LEU A CA  1 
ATOM   115 C C   . LEU A 1 15 ? 8.113   1.078   -4.850  1.00 22.37 ? 15   LEU A C   1 
ATOM   116 O O   . LEU A 1 15 ? 8.990   0.651   -5.604  1.00 21.91 ? 15   LEU A O   1 
ATOM   117 C CB  . LEU A 1 15 ? 5.958   1.429   -6.103  1.00 16.84 ? 15   LEU A CB  1 
ATOM   118 C CG  . LEU A 1 15 ? 4.674   0.841   -6.704  1.00 21.89 ? 15   LEU A CG  1 
ATOM   119 C CD1 . LEU A 1 15 ? 3.930   1.895   -7.511  1.00 21.80 ? 15   LEU A CD1 1 
ATOM   120 C CD2 . LEU A 1 15 ? 4.960   -0.391  -7.558  1.00 24.04 ? 15   LEU A CD2 1 
ATOM   121 N N   A ASP A 1 16 ? 8.352   1.957   -3.876  0.61 19.21 ? 16   ASP A N   1 
ATOM   122 N N   B ASP A 1 16 ? 8.323   1.951   -3.861  0.39 19.38 ? 16   ASP A N   1 
ATOM   123 C CA  A ASP A 1 16 ? 9.711   2.417   -3.579  0.61 20.33 ? 16   ASP A CA  1 
ATOM   124 C CA  B ASP A 1 16 ? 9.632   2.442   -3.521  0.39 20.47 ? 16   ASP A CA  1 
ATOM   125 C C   A ASP A 1 16 ? 10.401  1.551   -2.517  0.61 26.40 ? 16   ASP A C   1 
ATOM   126 C C   B ASP A 1 16 ? 10.367  1.527   -2.565  0.39 26.36 ? 16   ASP A C   1 
ATOM   127 O O   A ASP A 1 16 ? 11.511  1.861   -2.076  0.61 27.65 ? 16   ASP A O   1 
ATOM   128 O O   B ASP A 1 16 ? 11.461  1.773   -2.256  0.39 27.31 ? 16   ASP A O   1 
ATOM   129 C CB  A ASP A 1 16 ? 9.740   3.917   -3.217  0.61 21.52 ? 16   ASP A CB  1 
ATOM   130 C CB  B ASP A 1 16 ? 9.634   3.882   -3.012  0.39 21.93 ? 16   ASP A CB  1 
ATOM   131 C CG  A ASP A 1 16 ? 9.207   4.214   -1.816  0.61 27.63 ? 16   ASP A CG  1 
ATOM   132 C CG  B ASP A 1 16 ? 11.049  4.459   -2.927  0.39 32.62 ? 16   ASP A CG  1 
ATOM   133 O OD1 A ASP A 1 16 ? 9.125   5.410   -1.464  0.61 26.14 ? 16   ASP A OD1 1 
ATOM   134 O OD1 B ASP A 1 16 ? 11.448  5.006   -1.880  0.39 33.39 ? 16   ASP A OD1 1 
ATOM   135 O OD2 A ASP A 1 16 ? 8.872   3.276   -1.067  0.61 35.32 ? 16   ASP A OD2 1 
ATOM   136 O OD2 B ASP A 1 16 ? 11.814  4.310   -3.887  0.39 39.89 ? 16   ASP A OD2 1 
ATOM   137 N N   . GLY A 1 17 ? 9.732   0.469   -2.118  1.00 23.33 ? 17   GLY A N   1 
ATOM   138 C CA  . GLY A 1 17 ? 10.293  -0.505  -1.176  1.00 24.70 ? 17   GLY A CA  1 
ATOM   139 C C   . GLY A 1 17 ? 10.383  -0.125  0.294   1.00 29.70 ? 17   GLY A C   1 
ATOM   140 O O   . GLY A 1 17 ? 11.101  -0.781  1.055   1.00 30.74 ? 17   GLY A O   1 
ATOM   141 N N   . THR A 1 18 ? 9.664   0.916   0.707   1.00 25.95 ? 18   THR A N   1 
ATOM   142 C CA  . THR A 1 18 ? 9.705   1.363   2.106   1.00 26.70 ? 18   THR A CA  1 
ATOM   143 C C   . THR A 1 18 ? 8.617   0.728   2.975   1.00 33.03 ? 18   THR A C   1 
ATOM   144 O O   . THR A 1 18 ? 8.825   0.504   4.170   1.00 32.68 ? 18   THR A O   1 
ATOM   145 C CB  . THR A 1 18 ? 9.638   2.904   2.240   1.00 30.61 ? 18   THR A CB  1 
ATOM   146 O OG1 . THR A 1 18 ? 8.475   3.399   1.565   1.00 30.62 ? 18   THR A OG1 1 
ATOM   147 C CG2 . THR A 1 18 ? 10.886  3.556   1.654   1.00 27.68 ? 18   THR A CG2 1 
ATOM   148 N N   . ALA A 1 19 ? 7.465   0.443   2.371   1.00 30.64 ? 19   ALA A N   1 
ATOM   149 C CA  . ALA A 1 19 ? 6.336   -0.147  3.089   1.00 30.07 ? 19   ALA A CA  1 
ATOM   150 C C   . ALA A 1 19 ? 6.418   -1.667  3.149   1.00 34.80 ? 19   ALA A C   1 
ATOM   151 O O   . ALA A 1 19 ? 7.018   -2.305  2.281   1.00 35.67 ? 19   ALA A O   1 
ATOM   152 C CB  . ALA A 1 19 ? 5.021   0.285   2.460   1.00 30.23 ? 19   ALA A CB  1 
ATOM   153 N N   . SER A 1 20 ? 5.809   -2.235  4.186   1.00 30.82 ? 20   SER A N   1 
ATOM   154 C CA  . SER A 1 20 ? 5.721   -3.680  4.346   1.00 30.50 ? 20   SER A CA  1 
ATOM   155 C C   . SER A 1 20 ? 4.263   -4.134  4.340   1.00 33.45 ? 20   SER A C   1 
ATOM   156 O O   . SER A 1 20 ? 3.344   -3.311  4.303   1.00 31.59 ? 20   SER A O   1 
ATOM   157 C CB  . SER A 1 20 ? 6.420   -4.120  5.637   1.00 32.93 ? 20   SER A CB  1 
ATOM   158 O OG  . SER A 1 20 ? 5.835   -3.508  6.773   1.00 38.04 ? 20   SER A OG  1 
ATOM   159 N N   . GLU A 1 21 ? 4.069   -5.451  4.369   1.00 30.55 ? 21   GLU A N   1 
ATOM   160 C CA  . GLU A 1 21 ? 2.748   -6.067  4.428   1.00 30.92 ? 21   GLU A CA  1 
ATOM   161 C C   . GLU A 1 21 ? 2.005   -5.654  5.700   1.00 35.35 ? 21   GLU A C   1 
ATOM   162 O O   . GLU A 1 21 ? 0.803   -5.388  5.667   1.00 35.38 ? 21   GLU A O   1 
ATOM   163 C CB  . GLU A 1 21 ? 2.896   -7.589  4.381   1.00 32.92 ? 21   GLU A CB  1 
ATOM   164 C CG  . GLU A 1 21 ? 1.647   -8.339  3.932   1.00 46.59 ? 21   GLU A CG  1 
ATOM   165 C CD  . GLU A 1 21 ? 1.797   -9.847  4.069   1.00 71.69 ? 21   GLU A CD  1 
ATOM   166 O OE1 . GLU A 1 21 ? 0.814   -10.503 4.474   1.00 69.37 ? 21   GLU A OE1 1 
ATOM   167 O OE2 . GLU A 1 21 ? 2.893   -10.380 3.778   1.00 69.89 ? 21   GLU A OE2 1 
ATOM   168 N N   . GLU A 1 22 ? 2.743   -5.601  6.809   1.00 31.53 ? 22   GLU A N   1 
ATOM   169 C CA  . GLU A 1 22 ? 2.209   -5.226  8.117   1.00 30.28 ? 22   GLU A CA  1 
ATOM   170 C C   . GLU A 1 22 ? 1.713   -3.780  8.138   1.00 31.94 ? 22   GLU A C   1 
ATOM   171 O O   . GLU A 1 22 ? 0.615   -3.505  8.624   1.00 30.30 ? 22   GLU A O   1 
ATOM   172 C CB  . GLU A 1 22 ? 3.278   -5.433  9.196   1.00 31.45 ? 22   GLU A CB  1 
ATOM   173 C CG  . GLU A 1 22 ? 2.778   -5.282  10.629  1.00 41.37 ? 22   GLU A CG  1 
ATOM   174 C CD  . GLU A 1 22 ? 3.908   -5.116  11.634  1.00 59.74 ? 22   GLU A CD  1 
ATOM   175 O OE1 . GLU A 1 22 ? 4.988   -5.719  11.443  1.00 42.11 ? 22   GLU A OE1 1 
ATOM   176 O OE2 . GLU A 1 22 ? 3.711   -4.382  12.625  1.00 54.25 ? 22   GLU A OE2 1 
ATOM   177 N N   . LEU A 1 23 ? 2.532   -2.873  7.602   1.00 28.44 ? 23   LEU A N   1 
ATOM   178 C CA  . LEU A 1 23 ? 2.220   -1.443  7.544   1.00 27.53 ? 23   LEU A CA  1 
ATOM   179 C C   . LEU A 1 23 ? 0.896   -1.185  6.828   1.00 29.94 ? 23   LEU A C   1 
ATOM   180 O O   . LEU A 1 23 ? 0.066   -0.407  7.307   1.00 28.82 ? 23   LEU A O   1 
ATOM   181 C CB  . LEU A 1 23 ? 3.362   -0.682  6.850   1.00 28.11 ? 23   LEU A CB  1 
ATOM   182 C CG  . LEU A 1 23 ? 3.544   0.841   6.985   1.00 33.41 ? 23   LEU A CG  1 
ATOM   183 C CD1 . LEU A 1 23 ? 2.447   1.640   6.282   1.00 35.92 ? 23   LEU A CD1 1 
ATOM   184 C CD2 . LEU A 1 23 ? 3.677   1.268   8.445   1.00 34.00 ? 23   LEU A CD2 1 
ATOM   185 N N   . LEU A 1 24 ? 0.709   -1.843  5.684   1.00 26.30 ? 24   LEU A N   1 
ATOM   186 C CA  . LEU A 1 24 ? -0.524  -1.727  4.908   1.00 25.29 ? 24   LEU A CA  1 
ATOM   187 C C   . LEU A 1 24 ? -1.743  -2.188  5.699   1.00 29.65 ? 24   LEU A C   1 
ATOM   188 O O   . LEU A 1 24 ? -2.830  -1.631  5.548   1.00 29.77 ? 24   LEU A O   1 
ATOM   189 C CB  . LEU A 1 24 ? -0.419  -2.515  3.597   1.00 25.33 ? 24   LEU A CB  1 
ATOM   190 C CG  . LEU A 1 24 ? 0.547   -2.026  2.512   1.00 29.60 ? 24   LEU A CG  1 
ATOM   191 C CD1 . LEU A 1 24 ? 0.506   -2.973  1.326   1.00 30.42 ? 24   LEU A CD1 1 
ATOM   192 C CD2 . LEU A 1 24 ? 0.227   -0.601  2.063   1.00 30.06 ? 24   LEU A CD2 1 
ATOM   193 N N   . ARG A 1 25 ? -1.549  -3.199  6.543   1.00 25.80 ? 25   ARG A N   1 
ATOM   194 C CA  . ARG A 1 25 ? -2.625  -3.739  7.370   1.00 25.11 ? 25   ARG A CA  1 
ATOM   195 C C   . ARG A 1 25 ? -2.950  -2.830  8.555   1.00 27.79 ? 25   ARG A C   1 
ATOM   196 O O   . ARG A 1 25 ? -4.107  -2.742  8.968   1.00 27.92 ? 25   ARG A O   1 
ATOM   197 C CB  . ARG A 1 25 ? -2.294  -5.161  7.828   1.00 23.23 ? 25   ARG A CB  1 
ATOM   198 C CG  . ARG A 1 25 ? -2.186  -6.155  6.680   1.00 33.72 ? 25   ARG A CG  1 
ATOM   199 C CD  . ARG A 1 25 ? -1.969  -7.570  7.171   1.00 39.36 ? 25   ARG A CD  1 
ATOM   200 N NE  . ARG A 1 25 ? -1.803  -8.515  6.068   1.00 49.67 ? 25   ARG A NE  1 
ATOM   201 C CZ  . ARG A 1 25 ? -2.797  -9.172  5.474   1.00 67.61 ? 25   ARG A CZ  1 
ATOM   202 N NH1 . ARG A 1 25 ? -4.052  -8.999  5.869   1.00 57.30 ? 25   ARG A NH1 1 
ATOM   203 N NH2 . ARG A 1 25 ? -2.533  -10.008 4.479   1.00 54.80 ? 25   ARG A NH2 1 
ATOM   204 N N   . VAL A 1 26 ? -1.927  -2.160  9.088   1.00 24.42 ? 26   VAL A N   1 
ATOM   205 C CA  . VAL A 1 26 ? -2.103  -1.117  10.104  1.00 24.67 ? 26   VAL A CA  1 
ATOM   206 C C   . VAL A 1 26 ? -2.962  0.012   9.530   1.00 28.49 ? 26   VAL A C   1 
ATOM   207 O O   . VAL A 1 26 ? -3.821  0.569   10.217  1.00 28.78 ? 26   VAL A O   1 
ATOM   208 C CB  . VAL A 1 26 ? -0.740  -0.537  10.573  1.00 28.72 ? 26   VAL A CB  1 
ATOM   209 C CG1 . VAL A 1 26 ? -0.945  0.630   11.530  1.00 28.52 ? 26   VAL A CG1 1 
ATOM   210 C CG2 . VAL A 1 26 ? 0.107   -1.617  11.231  1.00 28.70 ? 26   VAL A CG2 1 
ATOM   211 N N   . ALA A 1 27 ? -2.716  0.333   8.262   1.00 24.71 ? 27   ALA A N   1 
ATOM   212 C CA  . ALA A 1 27 ? -3.473  1.350   7.539   1.00 24.02 ? 27   ALA A CA  1 
ATOM   213 C C   . ALA A 1 27 ? -4.905  0.904   7.255   1.00 27.75 ? 27   ALA A C   1 
ATOM   214 O O   . ALA A 1 27 ? -5.821  1.730   7.231   1.00 28.05 ? 27   ALA A O   1 
ATOM   215 C CB  . ALA A 1 27 ? -2.762  1.724   6.247   1.00 24.38 ? 27   ALA A CB  1 
ATOM   216 N N   . VAL A 1 28 ? -5.087  -0.399  7.033   1.00 22.56 ? 28   VAL A N   1 
ATOM   217 C CA  . VAL A 1 28 ? -6.422  -0.983  6.882   1.00 22.49 ? 28   VAL A CA  1 
ATOM   218 C C   . VAL A 1 28 ? -7.201  -0.858  8.190   1.00 28.43 ? 28   VAL A C   1 
ATOM   219 O O   . VAL A 1 28 ? -8.351  -0.402  8.185   1.00 28.37 ? 28   VAL A O   1 
ATOM   220 C CB  . VAL A 1 28 ? -6.376  -2.456  6.385   1.00 25.59 ? 28   VAL A CB  1 
ATOM   221 C CG1 . VAL A 1 28 ? -7.751  -3.118  6.486   1.00 25.73 ? 28   VAL A CG1 1 
ATOM   222 C CG2 . VAL A 1 28 ? -5.881  -2.516  4.954   1.00 24.61 ? 28   VAL A CG2 1 
ATOM   223 N N   A ASN A 1 29 ? -6.597  -1.224  9.284   0.73 26.11 ? 29   ASN A N   1 
ATOM   224 N N   B ASN A 1 29 ? -6.570  -1.264  9.266   0.27 25.87 ? 29   ASN A N   1 
ATOM   225 C CA  A ASN A 1 29 ? -7.326  -1.091  10.503  0.73 27.31 ? 29   ASN A CA  1 
ATOM   226 C CA  B ASN A 1 29 ? -7.035  -1.168  10.633  0.27 26.86 ? 29   ASN A CA  1 
ATOM   227 C C   A ASN A 1 29 ? -7.482  0.330   10.984  0.73 32.18 ? 29   ASN A C   1 
ATOM   228 C C   B ASN A 1 29 ? -7.425  0.272   10.968  0.27 31.86 ? 29   ASN A C   1 
ATOM   229 O O   A ASN A 1 29 ? -8.445  0.603   11.626  0.73 32.90 ? 29   ASN A O   1 
ATOM   230 O O   B ASN A 1 29 ? -8.448  0.489   11.544  0.27 32.37 ? 29   ASN A O   1 
ATOM   231 C CB  A ASN A 1 29 ? -6.948  -2.120  11.525  0.73 28.51 ? 29   ASN A CB  1 
ATOM   232 C CB  B ASN A 1 29 ? -5.882  -1.592  11.521  0.27 28.33 ? 29   ASN A CB  1 
ATOM   233 C CG  A ASN A 1 29 ? -7.582  -3.487  11.182  0.73 51.96 ? 29   ASN A CG  1 
ATOM   234 C CG  B ASN A 1 29 ? -6.322  -2.240  12.791  0.27 51.98 ? 29   ASN A CG  1 
ATOM   235 O OD1 A ASN A 1 29 ? -8.643  -3.849  11.662  0.73 47.90 ? 29   ASN A OD1 1 
ATOM   236 O OD1 B ASN A 1 29 ? -7.427  -2.690  12.886  0.27 45.83 ? 29   ASN A OD1 1 
ATOM   237 N ND2 A ASN A 1 29 ? -6.939  -4.204  10.293  0.73 42.10 ? 29   ASN A ND2 1 
ATOM   238 N ND2 B ASN A 1 29 ? -5.447  -2.264  13.792  0.27 44.66 ? 29   ASN A ND2 1 
ATOM   239 N N   . ALA A 1 30 ? -6.585  1.225   10.543  1.00 28.45 ? 30   ALA A N   1 
ATOM   240 C CA  . ALA A 1 30 ? -6.714  2.658   10.831  1.00 29.07 ? 30   ALA A CA  1 
ATOM   241 C C   . ALA A 1 30 ? -7.853  3.287   10.036  1.00 34.39 ? 30   ALA A C   1 
ATOM   242 O O   . ALA A 1 30 ? -8.436  4.287   10.455  1.00 35.36 ? 30   ALA A O   1 
ATOM   243 C CB  . ALA A 1 30 ? -5.404  3.379   10.540  1.00 29.27 ? 30   ALA A CB  1 
ATOM   244 N N   . GLY A 1 31 ? -8.170  2.687   8.892   1.00 30.50 ? 31   GLY A N   1 
ATOM   245 C CA  . GLY A 1 31 ? -9.209  3.205   8.009   1.00 29.91 ? 31   GLY A CA  1 
ATOM   246 C C   . GLY A 1 31 ? -8.657  4.183   6.990   1.00 30.93 ? 31   GLY A C   1 
ATOM   247 O O   . GLY A 1 31 ? -9.415  4.916   6.351   1.00 30.82 ? 31   GLY A O   1 
ATOM   248 N N   . ASP A 1 32 ? -7.334  4.194   6.845   1.00 25.01 ? 32   ASP A N   1 
ATOM   249 C CA  . ASP A 1 32 ? -6.658  5.028   5.852   1.00 23.81 ? 32   ASP A CA  1 
ATOM   250 C C   . ASP A 1 32 ? -6.566  4.312   4.505   1.00 24.87 ? 32   ASP A C   1 
ATOM   251 O O   . ASP A 1 32 ? -6.236  4.922   3.485   1.00 24.86 ? 32   ASP A O   1 
ATOM   252 C CB  . ASP A 1 32 ? -5.268  5.440   6.351   1.00 25.02 ? 32   ASP A CB  1 
ATOM   253 C CG  . ASP A 1 32 ? -5.326  6.348   7.571   1.00 30.52 ? 32   ASP A CG  1 
ATOM   254 O OD1 . ASP A 1 32 ? -6.279  7.149   7.688   1.00 30.88 ? 32   ASP A OD1 1 
ATOM   255 O OD2 . ASP A 1 32 ? -4.408  6.266   8.414   1.00 34.49 ? 32   ASP A OD2 1 
ATOM   256 N N   . LEU A 1 33 ? -6.850  3.011   4.525   1.00 23.81 ? 33   LEU A N   1 
ATOM   257 C CA  . LEU A 1 33 ? -6.987  2.194   3.325   1.00 22.51 ? 33   LEU A CA  1 
ATOM   258 C C   . LEU A 1 33 ? -8.102  1.182   3.549   1.00 27.75 ? 33   LEU A C   1 
ATOM   259 O O   . LEU A 1 33 ? -8.338  0.757   4.682   1.00 28.97 ? 33   LEU A O   1 
ATOM   260 C CB  . LEU A 1 33 ? -5.688  1.441   3.019   1.00 21.59 ? 33   LEU A CB  1 
ATOM   261 C CG  . LEU A 1 33 ? -4.439  2.172   2.517   1.00 24.80 ? 33   LEU A CG  1 
ATOM   262 C CD1 . LEU A 1 33 ? -3.251  1.223   2.519   1.00 24.60 ? 33   LEU A CD1 1 
ATOM   263 C CD2 . LEU A 1 33 ? -4.648  2.761   1.127   1.00 25.71 ? 33   LEU A CD2 1 
ATOM   264 N N   . THR A 1 34 ? -8.791  0.800   2.478   1.00 24.31 ? 34   THR A N   1 
ATOM   265 C CA  . THR A 1 34 ? -9.730  -0.315  2.547   1.00 26.02 ? 34   THR A CA  1 
ATOM   266 C C   . THR A 1 34 ? -8.942  -1.612  2.374   1.00 28.40 ? 34   THR A C   1 
ATOM   267 O O   . THR A 1 34 ? -7.817  -1.591  1.863   1.00 26.62 ? 34   THR A O   1 
ATOM   268 C CB  . THR A 1 34 ? -10.853 -0.217  1.486   1.00 35.94 ? 34   THR A CB  1 
ATOM   269 O OG1 . THR A 1 34 ? -10.302 -0.379  0.173   1.00 35.37 ? 34   THR A OG1 1 
ATOM   270 C CG2 . THR A 1 34 ? -11.583 1.119   1.576   1.00 34.65 ? 34   THR A CG2 1 
ATOM   271 N N   . GLN A 1 35 ? -9.520  -2.729  2.811   1.00 25.87 ? 35   GLN A N   1 
ATOM   272 C CA  . GLN A 1 35 ? -8.887  -4.042  2.658   1.00 25.25 ? 35   GLN A CA  1 
ATOM   273 C C   . GLN A 1 35 ? -8.591  -4.336  1.187   1.00 27.34 ? 35   GLN A C   1 
ATOM   274 O O   . GLN A 1 35 ? -7.532  -4.872  0.846   1.00 24.80 ? 35   GLN A O   1 
ATOM   275 C CB  . GLN A 1 35 ? -9.777  -5.142  3.250   1.00 29.10 ? 35   GLN A CB  1 
ATOM   276 C CG  . GLN A 1 35 ? -9.202  -6.555  3.133   1.00 35.81 ? 35   GLN A CG  1 
ATOM   277 C CD  . GLN A 1 35 ? -7.805  -6.669  3.716   1.00 42.24 ? 35   GLN A CD  1 
ATOM   278 O OE1 . GLN A 1 35 ? -7.576  -6.327  4.876   1.00 36.76 ? 35   GLN A OE1 1 
ATOM   279 N NE2 . GLN A 1 35 ? -6.864  -7.155  2.913   1.00 28.94 ? 35   GLN A NE2 1 
ATOM   280 N N   . GLU A 1 36 ? -9.542  -3.963  0.335   1.00 25.03 ? 36   GLU A N   1 
ATOM   281 C CA  . GLU A 1 36 ? -9.454  -4.142  -1.110  1.00 24.19 ? 36   GLU A CA  1 
ATOM   282 C C   . GLU A 1 36 ? -8.306  -3.335  -1.717  1.00 26.15 ? 36   GLU A C   1 
ATOM   283 O O   . GLU A 1 36 ? -7.661  -3.786  -2.666  1.00 25.67 ? 36   GLU A O   1 
ATOM   284 C CB  . GLU A 1 36 ? -10.781 -3.750  -1.775  1.00 27.09 ? 36   GLU A CB  1 
ATOM   285 C CG  . GLU A 1 36 ? -12.006 -4.548  -1.303  1.00 40.95 ? 36   GLU A CG  1 
ATOM   286 C CD  . GLU A 1 36 ? -12.662 -3.992  -0.039  1.00 55.00 ? 36   GLU A CD  1 
ATOM   287 O OE1 . GLU A 1 36 ? -12.106 -3.065  0.588   1.00 45.36 ? 36   GLU A OE1 1 
ATOM   288 O OE2 . GLU A 1 36 ? -13.745 -4.493  0.330   1.00 48.20 ? 36   GLU A OE2 1 
ATOM   289 N N   . GLU A 1 37 ? -8.062  -2.148  -1.164  1.00 21.25 ? 37   GLU A N   1 
ATOM   290 C CA  . GLU A 1 37 ? -6.967  -1.285  -1.605  1.00 18.82 ? 37   GLU A CA  1 
ATOM   291 C C   . GLU A 1 37 ? -5.601  -1.866  -1.253  1.00 23.76 ? 37   GLU A C   1 
ATOM   292 O O   . GLU A 1 37 ? -4.664  -1.778  -2.047  1.00 22.71 ? 37   GLU A O   1 
ATOM   293 C CB  . GLU A 1 37 ? -7.107  0.115   -1.007  1.00 19.24 ? 37   GLU A CB  1 
ATOM   294 C CG  . GLU A 1 37 ? -8.173  0.969   -1.669  1.00 26.65 ? 37   GLU A CG  1 
ATOM   295 C CD  . GLU A 1 37 ? -8.429  2.268   -0.932  1.00 36.81 ? 37   GLU A CD  1 
ATOM   296 O OE1 . GLU A 1 37 ? -8.397  2.278   0.316   1.00 29.55 ? 37   GLU A OE1 1 
ATOM   297 O OE2 . GLU A 1 37 ? -8.671  3.285   -1.603  1.00 22.74 ? 37   GLU A OE2 1 
ATOM   298 N N   . ALA A 1 38 ? -5.502  -2.456  -0.062  1.00 22.04 ? 38   ALA A N   1 
ATOM   299 C CA  . ALA A 1 38 ? -4.269  -3.100  0.392   1.00 21.87 ? 38   ALA A CA  1 
ATOM   300 C C   . ALA A 1 38 ? -3.916  -4.298  -0.483  1.00 25.66 ? 38   ALA A C   1 
ATOM   301 O O   . ALA A 1 38 ? -2.754  -4.479  -0.855  1.00 24.76 ? 38   ALA A O   1 
ATOM   302 C CB  . ALA A 1 38 ? -4.393  -3.522  1.846   1.00 24.13 ? 38   ALA A CB  1 
ATOM   303 N N   . ASP A 1 39 ? -4.929  -5.065  -0.828  1.00 22.48 ? 39   ASP A N   1 
ATOM   304 C CA  . ASP A 1 39 ? -4.771  -6.219  -1.642  1.00 22.00 ? 39   ASP A CA  1 
ATOM   305 C C   . ASP A 1 39 ? -4.394  -5.808  -3.084  1.00 24.20 ? 39   ASP A C   1 
ATOM   306 O O   . ASP A 1 39 ? -3.696  -6.481  -3.732  1.00 22.68 ? 39   ASP A O   1 
ATOM   307 C CB  . ASP A 1 39 ? -6.017  -7.100  -1.585  1.00 25.22 ? 39   ASP A CB  1 
ATOM   308 C CG  . ASP A 1 39 ? -6.155  -7.873  -0.266  1.00 38.19 ? 39   ASP A CG  1 
ATOM   309 O OD1 . ASP A 1 39 ? -5.197  -8.351  0.340   1.00 39.29 ? 39   ASP A OD1 1 
ATOM   310 O OD2 . ASP A 1 39 ? -7.270  -8.020  0.163   1.00 44.66 ? 39   ASP A OD2 1 
ATOM   311 N N   . LYS A 1 40 ? -4.883  -4.679  -3.540  1.00 19.86 ? 40   LYS A N   1 
ATOM   312 C CA  . LYS A 1 40 ? -4.528  -4.128  -4.792  1.00 18.80 ? 40   LYS A CA  1 
ATOM   313 C C   . LYS A 1 40 ? -3.085  -3.644  -4.851  1.00 22.45 ? 40   LYS A C   1 
ATOM   314 O O   . LYS A 1 40 ? -2.414  -3.882  -5.798  1.00 21.24 ? 40   LYS A O   1 
ATOM   315 C CB  . LYS A 1 40 ? -5.458  -3.006  -5.118  1.00 21.13 ? 40   LYS A CB  1 
ATOM   316 C CG  . LYS A 1 40 ? -5.177  -2.353  -6.345  1.00 25.87 ? 40   LYS A CG  1 
ATOM   317 C CD  . LYS A 1 40 ? -6.423  -2.054  -6.972  1.00 37.98 ? 40   LYS A CD  1 
ATOM   318 C CE  . LYS A 1 40 ? -7.249  -1.217  -6.096  1.00 44.25 ? 40   LYS A CE  1 
ATOM   319 N NZ  . LYS A 1 40 ? -6.972  0.156   -6.354  1.00 53.11 ? 40   LYS A NZ  1 
ATOM   320 N N   . ILE A 1 41 ? -2.643  -2.949  -3.816  1.00 19.01 ? 41   ILE A N   1 
ATOM   321 C CA  . ILE A 1 41 ? -1.269  -2.453  -3.704  1.00 18.00 ? 41   ILE A CA  1 
ATOM   322 C C   . ILE A 1 41 ? -0.267  -3.616  -3.689  1.00 22.14 ? 41   ILE A C   1 
ATOM   323 O O   . ILE A 1 41 ? 0.808   -3.526  -4.285  1.00 21.99 ? 41   ILE A O   1 
ATOM   324 C CB  . ILE A 1 41 ? -1.103  -1.549  -2.447  1.00 19.72 ? 41   ILE A CB  1 
ATOM   325 C CG1 . ILE A 1 41 ? -1.860  -0.229  -2.637  1.00 19.27 ? 41   ILE A CG1 1 
ATOM   326 C CG2 . ILE A 1 41 ? 0.363   -1.263  -2.159  1.00 19.21 ? 41   ILE A CG2 1 
ATOM   327 C CD1 . ILE A 1 41 ? -2.173  0.511   -1.343  1.00 21.20 ? 41   ILE A CD1 1 
ATOM   328 N N   . MET A 1 42 ? -0.643  -4.707  -3.023  1.00 18.44 ? 42   MET A N   1 
ATOM   329 C CA  . MET A 1 42 ? 0.200   -5.904  -2.922  1.00 17.87 ? 42   MET A CA  1 
ATOM   330 C C   . MET A 1 42 ? 0.283   -6.723  -4.218  1.00 21.64 ? 42   MET A C   1 
ATOM   331 O O   . MET A 1 42 ? 1.124   -7.622  -4.334  1.00 21.55 ? 42   MET A O   1 
ATOM   332 C CB  . MET A 1 42 ? -0.255  -6.784  -1.755  1.00 20.74 ? 42   MET A CB  1 
ATOM   333 C CG  . MET A 1 42 ? 0.120   -6.242  -0.384  1.00 24.49 ? 42   MET A CG  1 
ATOM   334 S SD  . MET A 1 42 ? -0.317  -7.352  0.971   1.00 29.72 ? 42   MET A SD  1 
ATOM   335 C CE  . MET A 1 42 ? -2.087  -7.092  1.094   1.00 26.85 ? 42   MET A CE  1 
ATOM   336 N N   A SER A 1 43 ? -0.583  -6.426  -5.177  0.35 18.30 ? 43   SER A N   1 
ATOM   337 N N   B SER A 1 43 ? -0.584  -6.419  -5.136  0.65 18.26 ? 43   SER A N   1 
ATOM   338 C CA  A SER A 1 43 ? -0.536  -6.923  -6.563  0.35 18.17 ? 43   SER A CA  1 
ATOM   339 C CA  B SER A 1 43 ? -0.552  -6.993  -6.439  0.65 18.00 ? 43   SER A CA  1 
ATOM   340 C C   A SER A 1 43 ? 0.669   -6.403  -7.315  0.35 21.26 ? 43   SER A C   1 
ATOM   341 C C   B SER A 1 43 ? 0.582   -6.374  -7.325  0.65 21.03 ? 43   SER A C   1 
ATOM   342 O O   A SER A 1 43 ? 1.142   -6.979  -8.195  0.35 21.19 ? 43   SER A O   1 
ATOM   343 O O   B SER A 1 43 ? 0.971   -6.903  -8.284  0.65 20.72 ? 43   SER A O   1 
ATOM   344 C CB  A SER A 1 43 ? -1.804  -6.607  -7.313  0.35 22.30 ? 43   SER A CB  1 
ATOM   345 C CB  B SER A 1 43 ? -1.957  -6.996  -7.004  0.65 21.99 ? 43   SER A CB  1 
ATOM   346 O OG  A SER A 1 43 ? -2.792  -7.019  -6.515  0.35 32.99 ? 43   SER A OG  1 
ATOM   347 O OG  B SER A 1 43 ? -2.083  -6.017  -7.942  0.65 29.55 ? 43   SER A OG  1 
ATOM   348 N N   . TYR A 1 44 ? 1.130   -5.268  -6.897  1.00 16.93 ? 44   TYR A N   1 
ATOM   349 C CA  . TYR A 1 44 ? 2.261   -4.642  -7.576  1.00 16.11 ? 44   TYR A CA  1 
ATOM   350 C C   . TYR A 1 44 ? 3.572   -5.273  -7.124  1.00 21.14 ? 44   TYR A C   1 
ATOM   351 O O   . TYR A 1 44 ? 3.658   -5.797  -6.009  1.00 20.94 ? 44   TYR A O   1 
ATOM   352 C CB  . TYR A 1 44 ? 2.284   -3.162  -7.183  1.00 15.69 ? 44   TYR A CB  1 
ATOM   353 C CG  . TYR A 1 44 ? 1.264   -2.302  -7.885  1.00 15.40 ? 44   TYR A CG  1 
ATOM   354 C CD1 . TYR A 1 44 ? 1.623   -1.528  -8.987  1.00 16.95 ? 44   TYR A CD1 1 
ATOM   355 C CD2 . TYR A 1 44 ? -0.057  -2.254  -7.445  1.00 14.89 ? 44   TYR A CD2 1 
ATOM   356 C CE1 . TYR A 1 44 ? 0.689   -0.730  -9.637  1.00 17.11 ? 44   TYR A CE1 1 
ATOM   357 C CE2 . TYR A 1 44 ? -0.998  -1.460  -8.087  1.00 15.35 ? 44   TYR A CE2 1 
ATOM   358 C CZ  . TYR A 1 44 ? -0.618  -0.701  -9.180  1.00 22.03 ? 44   TYR A CZ  1 
ATOM   359 O OH  . TYR A 1 44 ? -1.550  0.085   -9.815  1.00 20.30 ? 44   TYR A OH  1 
ATOM   360 N N   . PRO A 1 45 ? 4.600   -5.224  -7.992  1.00 19.35 ? 45   PRO A N   1 
ATOM   361 C CA  . PRO A 1 45 ? 5.932   -5.656  -7.592  1.00 20.30 ? 45   PRO A CA  1 
ATOM   362 C C   . PRO A 1 45 ? 6.475   -4.736  -6.510  1.00 24.80 ? 45   PRO A C   1 
ATOM   363 O O   . PRO A 1 45 ? 6.661   -3.538  -6.738  1.00 23.24 ? 45   PRO A O   1 
ATOM   364 C CB  . PRO A 1 45 ? 6.753   -5.523  -8.881  1.00 22.88 ? 45   PRO A CB  1 
ATOM   365 C CG  . PRO A 1 45 ? 5.750   -5.510  -9.981  1.00 26.95 ? 45   PRO A CG  1 
ATOM   366 C CD  . PRO A 1 45 ? 4.563   -4.816  -9.407  1.00 21.31 ? 45   PRO A CD  1 
ATOM   367 N N   . TRP A 1 46 ? 6.690   -5.307  -5.330  1.00 22.74 ? 46   TRP A N   1 
ATOM   368 C CA  . TRP A 1 46 ? 7.223   -4.584  -4.190  1.00 22.66 ? 46   TRP A CA  1 
ATOM   369 C C   . TRP A 1 46 ? 8.637   -4.095  -4.490  1.00 27.97 ? 46   TRP A C   1 
ATOM   370 O O   . TRP A 1 46 ? 9.484   -4.870  -4.945  1.00 29.67 ? 46   TRP A O   1 
ATOM   371 C CB  . TRP A 1 46 ? 7.211   -5.498  -2.964  1.00 22.03 ? 46   TRP A CB  1 
ATOM   372 C CG  . TRP A 1 46 ? 7.756   -4.867  -1.739  1.00 23.73 ? 46   TRP A CG  1 
ATOM   373 C CD1 . TRP A 1 46 ? 7.057   -4.184  -0.790  1.00 25.94 ? 46   TRP A CD1 1 
ATOM   374 C CD2 . TRP A 1 46 ? 9.122   -4.856  -1.320  1.00 25.36 ? 46   TRP A CD2 1 
ATOM   375 N NE1 . TRP A 1 46 ? 7.903   -3.746  0.198   1.00 26.23 ? 46   TRP A NE1 1 
ATOM   376 C CE2 . TRP A 1 46 ? 9.179   -4.144  -0.103  1.00 29.40 ? 46   TRP A CE2 1 
ATOM   377 C CE3 . TRP A 1 46 ? 10.307  -5.379  -1.855  1.00 28.28 ? 46   TRP A CE3 1 
ATOM   378 C CZ2 . TRP A 1 46 ? 10.375  -3.942  0.591   1.00 30.85 ? 46   TRP A CZ2 1 
ATOM   379 C CZ3 . TRP A 1 46 ? 11.497  -5.176  -1.167  1.00 31.95 ? 46   TRP A CZ3 1 
ATOM   380 C CH2 . TRP A 1 46 ? 11.519  -4.463  0.045   1.00 32.92 ? 46   TRP A CH2 1 
ATOM   381 N N   . GLY A 1 47 ? 8.882   -2.811  -4.243  1.00 22.84 ? 47   GLY A N   1 
ATOM   382 C CA  . GLY A 1 47 ? 10.181  -2.198  -4.520  1.00 24.04 ? 47   GLY A CA  1 
ATOM   383 C C   . GLY A 1 47 ? 10.511  -2.153  -6.001  1.00 28.53 ? 47   GLY A C   1 
ATOM   384 O O   . GLY A 1 47 ? 11.665  -2.353  -6.393  1.00 28.84 ? 47   GLY A O   1 
ATOM   385 N N   . ALA A 1 48 ? 9.492   -1.892  -6.819  1.00 24.96 ? 48   ALA A N   1 
ATOM   386 C CA  . ALA A 1 48 ? 9.637   -1.849  -8.276  1.00 26.45 ? 48   ALA A CA  1 
ATOM   387 C C   . ALA A 1 48 ? 10.464  -0.656  -8.748  1.00 32.18 ? 48   ALA A C   1 
ATOM   388 O O   . ALA A 1 48 ? 11.128  -0.729  -9.783  1.00 33.89 ? 48   ALA A O   1 
ATOM   389 C CB  . ALA A 1 48 ? 8.273   -1.846  -8.950  1.00 25.48 ? 48   ALA A CB  1 
ATOM   390 N N   . TRP A 1 49 ? 10.415  0.438   -7.987  1.00 28.59 ? 49   TRP A N   1 
ATOM   391 C CA  . TRP A 1 49 ? 11.171  1.647   -8.316  1.00 30.49 ? 49   TRP A CA  1 
ATOM   392 C C   . TRP A 1 49 ? 12.679  1.473   -8.115  1.00 37.55 ? 49   TRP A C   1 
ATOM   393 O O   . TRP A 1 49 ? 13.476  2.184   -8.731  1.00 39.36 ? 49   TRP A O   1 
ATOM   394 C CB  . TRP A 1 49 ? 10.675  2.855   -7.507  1.00 28.60 ? 49   TRP A CB  1 
ATOM   395 C CG  . TRP A 1 49 ? 9.291   3.401   -7.851  1.00 27.96 ? 49   TRP A CG  1 
ATOM   396 C CD1 . TRP A 1 49 ? 8.576   4.305   -7.115  1.00 29.69 ? 49   TRP A CD1 1 
ATOM   397 C CD2 . TRP A 1 49 ? 8.469   3.082   -8.991  1.00 27.33 ? 49   TRP A CD2 1 
ATOM   398 N NE1 . TRP A 1 49 ? 7.375   4.574   -7.722  1.00 27.97 ? 49   TRP A NE1 1 
ATOM   399 C CE2 . TRP A 1 49 ? 7.281   3.838   -8.872  1.00 29.85 ? 49   TRP A CE2 1 
ATOM   400 C CE3 . TRP A 1 49 ? 8.622   2.236   -10.100 1.00 29.52 ? 49   TRP A CE3 1 
ATOM   401 C CZ2 . TRP A 1 49 ? 6.251   3.771   -9.816  1.00 28.54 ? 49   TRP A CZ2 1 
ATOM   402 C CZ3 . TRP A 1 49 ? 7.597   2.171   -11.036 1.00 30.76 ? 49   TRP A CZ3 1 
ATOM   403 C CH2 . TRP A 1 49 ? 6.428   2.936   -10.888 1.00 30.01 ? 49   TRP A CH2 1 
ATOM   404 N N   . ASN A 1 50 ? 13.061  0.529   -7.257  1.00 34.10 ? 50   ASN A N   1 
ATOM   405 C CA  . ASN A 1 50 ? 14.469  0.275   -6.947  1.00 36.54 ? 50   ASN A CA  1 
ATOM   406 C C   . ASN A 1 50 ? 15.104  -0.795  -7.837  1.00 42.13 ? 50   ASN A C   1 
ATOM   407 O O   . ASN A 1 50 ? 16.316  -1.020  -7.776  1.00 44.65 ? 50   ASN A O   1 
ATOM   408 C CB  . ASN A 1 50 ? 14.628  -0.116  -5.475  1.00 35.46 ? 50   ASN A CB  1 
ATOM   409 C CG  . ASN A 1 50 ? 13.848  0.789   -4.542  1.00 51.64 ? 50   ASN A CG  1 
ATOM   410 O OD1 . ASN A 1 50 ? 14.015  2.011   -4.547  1.00 36.32 ? 50   ASN A OD1 1 
ATOM   411 N ND2 . ASN A 1 50 ? 12.991  0.189   -3.727  1.00 45.79 ? 50   ASN A ND2 1 
ATOM   412 N N   . ASP A 1 51 ? 14.279  -1.446  -8.658  1.00 36.97 ? 51   ASP A N   1 
ATOM   413 C CA  . ASP A 1 51 ? 14.726  -2.539  -9.525  1.00 57.58 ? 51   ASP A CA  1 
ATOM   414 C C   . ASP A 1 51 ? 15.726  -2.083  -10.586 1.00 92.70 ? 51   ASP A C   1 
ATOM   415 O O   . ASP A 1 51 ? 16.545  -2.873  -11.060 1.00 59.16 ? 51   ASP A O   1 
ATOM   416 C CB  . ASP A 1 51 ? 13.526  -3.218  -10.196 1.00 56.88 ? 51   ASP A CB  1 
ATOM   417 C CG  . ASP A 1 51 ? 12.855  -4.250  -9.301  1.00 61.63 ? 51   ASP A CG  1 
ATOM   418 O OD1 . ASP A 1 51 ? 13.440  -4.635  -8.264  1.00 61.38 ? 51   ASP A OD1 1 
ATOM   419 O OD2 . ASP A 1 51 ? 11.735  -4.688  -9.642  1.00 66.86 ? 51   ASP A OD2 1 
HETATM 420 O O   . HOH B 2 .  ? -15.584 3.788   -3.100  1.00 30.25 ? 2001 HOH A O   1 
HETATM 421 O O   . HOH B 2 .  ? -15.929 6.781   -2.729  1.00 48.36 ? 2002 HOH A O   1 
HETATM 422 O O   . HOH B 2 .  ? -6.443  4.876   -8.218  1.00 22.24 ? 2003 HOH A O   1 
HETATM 423 O O   . HOH B 2 .  ? -10.140 4.315   3.875   1.00 21.39 ? 2004 HOH A O   1 
HETATM 424 O O   . HOH B 2 .  ? -7.549  8.440   -3.548  1.00 49.42 ? 2005 HOH A O   1 
HETATM 425 O O   . HOH B 2 .  ? -10.254 8.871   2.238   1.00 20.06 ? 2006 HOH A O   1 
HETATM 426 O O   . HOH B 2 .  ? -2.427  9.546   -1.683  1.00 19.03 ? 2007 HOH A O   1 
HETATM 427 O O   . HOH B 2 .  ? -4.702  8.657   -3.894  1.00 33.15 ? 2008 HOH A O   1 
HETATM 428 O O   . HOH B 2 .  ? 5.347   7.772   -0.501  1.00 23.34 ? 2009 HOH A O   1 
HETATM 429 O O   . HOH B 2 .  ? -13.389 -1.363  4.156   1.00 38.22 ? 2010 HOH A O   1 
HETATM 430 O O   . HOH B 2 .  ? 12.754  7.546   -2.951  1.00 44.29 ? 2011 HOH A O   1 
HETATM 431 O O   . HOH B 2 .  ? 9.620   6.876   0.821   1.00 40.35 ? 2012 HOH A O   1 
HETATM 432 O O   . HOH B 2 .  ? 11.129  -0.193  5.290   1.00 40.45 ? 2013 HOH A O   1 
HETATM 433 O O   . HOH B 2 .  ? 9.252   -3.026  3.760   1.00 41.33 ? 2014 HOH A O   1 
HETATM 434 O O   . HOH B 2 .  ? -0.335  -11.943 2.943   0.33 30.00 ? 2015 HOH A O   1 
HETATM 435 O O   . HOH B 2 .  ? 1.694   -3.260  13.674  1.00 32.78 ? 2016 HOH A O   1 
HETATM 436 O O   . HOH B 2 .  ? -6.652  -5.991  8.465   1.00 25.58 ? 2017 HOH A O   1 
HETATM 437 O O   . HOH B 2 .  ? -10.475 7.004   9.317   1.00 31.16 ? 2018 HOH A O   1 
HETATM 438 O O   . HOH B 2 .  ? -6.812  7.586   3.529   1.00 9.35  ? 2019 HOH A O   1 
HETATM 439 O O   . HOH B 2 .  ? -10.747 0.828   5.965   1.00 34.31 ? 2020 HOH A O   1 
HETATM 440 O O   . HOH B 2 .  ? -11.651 0.017   -2.086  1.00 38.53 ? 2021 HOH A O   1 
HETATM 441 O O   . HOH B 2 .  ? -10.127 -6.084  6.668   1.00 25.91 ? 2022 HOH A O   1 
HETATM 442 O O   . HOH B 2 .  ? -5.770  -6.072  6.273   1.00 42.34 ? 2023 HOH A O   1 
HETATM 443 O O   . HOH B 2 .  ? -11.260 -2.683  5.073   1.00 37.47 ? 2024 HOH A O   1 
HETATM 444 O O   . HOH B 2 .  ? -8.494  -5.535  -4.142  1.00 23.18 ? 2025 HOH A O   1 
HETATM 445 O O   . HOH B 2 .  ? 8.359   7.031   -9.547  1.00 33.29 ? 2026 HOH A O   1 
HETATM 446 O O   . HOH B 2 .  ? 18.546  -2.407  -9.100  1.00 38.49 ? 2027 HOH A O   1 
# 
loop_
_atom_site_anisotrop.id 
_atom_site_anisotrop.type_symbol 
_atom_site_anisotrop.pdbx_label_atom_id 
_atom_site_anisotrop.pdbx_label_alt_id 
_atom_site_anisotrop.pdbx_label_comp_id 
_atom_site_anisotrop.pdbx_label_asym_id 
_atom_site_anisotrop.pdbx_label_seq_id 
_atom_site_anisotrop.pdbx_PDB_ins_code 
_atom_site_anisotrop.U[1][1] 
_atom_site_anisotrop.U[2][2] 
_atom_site_anisotrop.U[3][3] 
_atom_site_anisotrop.U[1][2] 
_atom_site_anisotrop.U[1][3] 
_atom_site_anisotrop.U[2][3] 
_atom_site_anisotrop.pdbx_auth_seq_id 
_atom_site_anisotrop.pdbx_auth_comp_id 
_atom_site_anisotrop.pdbx_auth_asym_id 
_atom_site_anisotrop.pdbx_auth_atom_id 
1   N N   . SER A 2  ? 0.4472 0.8998 0.4495 -0.0055 -0.0044 0.0054  2  SER A N   
2   C CA  . SER A 2  ? 0.4466 0.8187 0.4371 0.0089  -0.0048 0.0040  2  SER A CA  
3   C C   . SER A 2  ? 0.4857 0.7957 0.4641 0.0032  0.0033  -0.0115 2  SER A C   
4   O O   . SER A 2  ? 0.4855 0.8107 0.4674 -0.0003 0.0096  -0.0189 2  SER A O   
5   C CB  . SER A 2  ? 0.5077 0.8760 0.5091 0.0524  -0.0059 0.0177  2  SER A CB  
6   O OG  . SER A 2  ? 0.6502 1.0364 0.6650 0.0793  0.0027  0.0170  2  SER A OG  
7   N N   . GLU A 3  ? 0.4312 0.6758 0.3956 0.0015  0.0026  -0.0151 3  GLU A N   
8   C CA  . GLU A 3  ? 0.4192 0.6104 0.3715 -0.0085 0.0082  -0.0274 3  GLU A CA  
9   C C   . GLU A 3  ? 0.4344 0.5980 0.3881 0.0149  0.0140  -0.0305 3  GLU A C   
10  O O   . GLU A 3  ? 0.4422 0.6090 0.4019 0.0429  0.0150  -0.0239 3  GLU A O   
11  C CB  . GLU A 3  ? 0.4384 0.5803 0.3769 -0.0206 0.0058  -0.0293 3  GLU A CB  
12  C CG  . GLU A 3  ? 0.5918 0.7139 0.5294 -0.0028 0.0010  -0.0208 3  GLU A CG  
13  C CD  . GLU A 3  ? 0.8020 0.8985 0.7282 -0.0205 -0.0017 -0.0217 3  GLU A CD  
14  O OE1 . GLU A 3  ? 0.8038 0.8960 0.7228 -0.0442 0.0017  -0.0290 3  GLU A OE1 
15  O OE2 . GLU A 3  ? 0.6661 0.7440 0.5881 -0.0105 -0.0057 -0.0151 3  GLU A OE2 
16  N N   . SER A 4  ? 0.3637 0.4980 0.3086 0.0027  0.0185  -0.0403 4  SER A N   
17  C CA  . SER A 4  ? 0.3589 0.4603 0.2987 0.0168  0.0241  -0.0452 4  SER A CA  
18  C C   . SER A 4  ? 0.3949 0.4484 0.3249 0.0294  0.0222  -0.0422 4  SER A C   
19  O O   . SER A 4  ? 0.3785 0.4150 0.3042 0.0198  0.0168  -0.0392 4  SER A O   
20  C CB  . SER A 4  ? 0.3975 0.4783 0.3277 -0.0034 0.0268  -0.0535 4  SER A CB  
21  O OG  . SER A 4  ? 0.5209 0.6399 0.4542 -0.0194 0.0290  -0.0565 4  SER A OG  
22  N N   . LEU A 5  ? 0.3680 0.3982 0.2912 0.0490  0.0285  -0.0437 5  LEU A N   
23  C CA  . LEU A 5  ? 0.3851 0.3657 0.2923 0.0590  0.0286  -0.0414 5  LEU A CA  
24  C C   . LEU A 5  ? 0.3920 0.3391 0.2885 0.0375  0.0238  -0.0443 5  LEU A C   
25  O O   . LEU A 5  ? 0.3883 0.3105 0.2760 0.0373  0.0200  -0.0400 5  LEU A O   
26  C CB  . LEU A 5  ? 0.4171 0.3685 0.3105 0.0766  0.0396  -0.0465 5  LEU A CB  
27  C CG  . LEU A 5  ? 0.5229 0.4181 0.3921 0.0895  0.0435  -0.0443 5  LEU A CG  
28  C CD1 . LEU A 5  ? 0.5659 0.4483 0.4268 0.1194  0.0570  -0.0449 5  LEU A CD1 
29  C CD2 . LEU A 5  ? 0.5714 0.4206 0.4180 0.0674  0.0433  -0.0519 5  LEU A CD2 
30  N N   . LEU A 6  ? 0.3154 0.2647 0.2125 0.0203  0.0242  -0.0504 6  LEU A N   
31  C CA  . LEU A 6  ? 0.2956 0.2199 0.1852 0.0038  0.0207  -0.0513 6  LEU A CA  
32  C C   . LEU A 6  ? 0.3093 0.2475 0.2080 -0.0097 0.0162  -0.0486 6  LEU A C   
33  O O   . LEU A 6  ? 0.2951 0.2207 0.1916 -0.0209 0.0150  -0.0487 6  LEU A O   
34  C CB  . LEU A 6  ? 0.2994 0.2134 0.1810 -0.0051 0.0239  -0.0569 6  LEU A CB  
35  C CG  . LEU A 6  ? 0.3812 0.2703 0.2455 0.0026  0.0307  -0.0622 6  LEU A CG  
36  C CD1 . LEU A 6  ? 0.3806 0.2737 0.2393 -0.0077 0.0345  -0.0681 6  LEU A CD1 
37  C CD2 . LEU A 6  ? 0.4244 0.2755 0.2698 -0.0019 0.0295  -0.0613 6  LEU A CD2 
38  N N   . TYR A 7  ? 0.2579 0.2225 0.1650 -0.0087 0.0147  -0.0459 7  TYR A N   
39  C CA  . TYR A 7  ? 0.2476 0.2195 0.1569 -0.0238 0.0133  -0.0453 7  TYR A CA  
40  C C   . TYR A 7  ? 0.2977 0.2453 0.2028 -0.0272 0.0111  -0.0431 7  TYR A C   
41  O O   . TYR A 7  ? 0.2782 0.2147 0.1820 -0.0369 0.0131  -0.0443 7  TYR A O   
42  C CB  . TYR A 7  ? 0.2453 0.2533 0.1603 -0.0266 0.0120  -0.0429 7  TYR A CB  
43  C CG  . TYR A 7  ? 0.2451 0.2536 0.1549 -0.0462 0.0132  -0.0445 7  TYR A CG  
44  C CD1 . TYR A 7  ? 0.2625 0.2727 0.1659 -0.0627 0.0184  -0.0494 7  TYR A CD1 
45  C CD2 . TYR A 7  ? 0.2512 0.2532 0.1578 -0.0495 0.0107  -0.0416 7  TYR A CD2 
46  C CE1 . TYR A 7  ? 0.2636 0.2643 0.1556 -0.0810 0.0228  -0.0522 7  TYR A CE1 
47  C CE2 . TYR A 7  ? 0.2658 0.2637 0.1635 -0.0681 0.0147  -0.0450 7  TYR A CE2 
48  C CZ  . TYR A 7  ? 0.3317 0.3264 0.2212 -0.0834 0.0216  -0.0507 7  TYR A CZ  
49  O OH  . TYR A 7  ? 0.3194 0.3004 0.1938 -0.1022 0.0287  -0.0553 7  TYR A OH  
50  N N   . GLY A 8  ? 0.2852 0.2244 0.1866 -0.0180 0.0080  -0.0392 8  GLY A N   
51  C CA  . GLY A 8  ? 0.2841 0.2030 0.1795 -0.0230 0.0060  -0.0372 8  GLY A CA  
52  C C   . GLY A 8  ? 0.3408 0.2391 0.2319 -0.0274 0.0070  -0.0391 8  GLY A C   
53  O O   . GLY A 8  ? 0.3358 0.2289 0.2275 -0.0353 0.0070  -0.0384 8  GLY A O   
54  N N   . TYR A 9  ? 0.3068 0.1979 0.1935 -0.0232 0.0083  -0.0412 9  TYR A N   
55  C CA  . TYR A 9  ? 0.3043 0.1831 0.1853 -0.0307 0.0082  -0.0421 9  TYR A CA  
56  C C   . TYR A 9  ? 0.3291 0.2206 0.2207 -0.0373 0.0090  -0.0408 9  TYR A C   
57  O O   . TYR A 9  ? 0.3274 0.2190 0.2213 -0.0427 0.0080  -0.0374 9  TYR A O   
58  C CB  . TYR A 9  ? 0.3381 0.2046 0.2072 -0.0270 0.0108  -0.0458 9  TYR A CB  
59  C CG  . TYR A 9  ? 0.3672 0.2281 0.2285 -0.0389 0.0102  -0.0465 9  TYR A CG  
60  C CD1 . TYR A 9  ? 0.4052 0.2509 0.2524 -0.0495 0.0084  -0.0454 9  TYR A CD1 
61  C CD2 . TYR A 9  ? 0.3705 0.2441 0.2365 -0.0425 0.0110  -0.0472 9  TYR A CD2 
62  C CE1 . TYR A 9  ? 0.4278 0.2773 0.2675 -0.0636 0.0068  -0.0446 9  TYR A CE1 
63  C CE2 . TYR A 9  ? 0.3836 0.2577 0.2421 -0.0545 0.0090  -0.0455 9  TYR A CE2 
64  C CZ  . TYR A 9  ? 0.4746 0.3395 0.3209 -0.0652 0.0066  -0.0439 9  TYR A CZ  
65  O OH  . TYR A 9  ? 0.4970 0.3708 0.3356 -0.0801 0.0036  -0.0408 9  TYR A OH  
66  N N   . PHE A 10 ? 0.2617 0.1646 0.1585 -0.0364 0.0115  -0.0426 10 PHE A N   
67  C CA  . PHE A 10 ? 0.2571 0.1631 0.1581 -0.0414 0.0138  -0.0403 10 PHE A CA  
68  C C   . PHE A 10 ? 0.3224 0.2262 0.2273 -0.0435 0.0174  -0.0391 10 PHE A C   
69  O O   . PHE A 10 ? 0.3439 0.2422 0.2508 -0.0436 0.0208  -0.0352 10 PHE A O   
70  C CB  . PHE A 10 ? 0.2735 0.1878 0.1726 -0.0437 0.0164  -0.0432 10 PHE A CB  
71  C CG  . PHE A 10 ? 0.2900 0.2044 0.1837 -0.0440 0.0153  -0.0444 10 PHE A CG  
72  C CD1 . PHE A 10 ? 0.3233 0.2329 0.2142 -0.0485 0.0131  -0.0393 10 PHE A CD1 
73  C CD2 . PHE A 10 ? 0.3121 0.2344 0.2031 -0.0397 0.0172  -0.0499 10 PHE A CD2 
74  C CE1 . PHE A 10 ? 0.3383 0.2484 0.2205 -0.0529 0.0124  -0.0411 10 PHE A CE1 
75  C CE2 . PHE A 10 ? 0.3509 0.2704 0.2336 -0.0413 0.0187  -0.0530 10 PHE A CE2 
76  C CZ  . PHE A 10 ? 0.3306 0.2426 0.2071 -0.0501 0.0160  -0.0492 10 PHE A CZ  
77  N N   . LEU A 11 ? 0.2704 0.1777 0.1746 -0.0444 0.0175  -0.0416 11 LEU A N   
78  C CA  . LEU A 11 ? 0.2655 0.1685 0.1692 -0.0490 0.0223  -0.0423 11 LEU A CA  
79  C C   . LEU A 11 ? 0.3125 0.2102 0.2203 -0.0467 0.0221  -0.0391 11 LEU A C   
80  O O   . LEU A 11 ? 0.3091 0.2017 0.2190 -0.0466 0.0288  -0.0383 11 LEU A O   
81  C CB  . LEU A 11 ? 0.2745 0.1879 0.1745 -0.0536 0.0210  -0.0447 11 LEU A CB  
82  C CG  . LEU A 11 ? 0.3367 0.2462 0.2313 -0.0628 0.0263  -0.0471 11 LEU A CG  
83  C CD1 . LEU A 11 ? 0.3553 0.2504 0.2421 -0.0702 0.0372  -0.0509 11 LEU A CD1 
84  C CD2 . LEU A 11 ? 0.3618 0.2897 0.2522 -0.0689 0.0222  -0.0471 11 LEU A CD2 
85  N N   . ASP A 12 ? 0.2668 0.1653 0.1733 -0.0452 0.0157  -0.0374 12 ASP A N   
86  C CA  . ASP A 12 ? 0.2619 0.1611 0.1698 -0.0474 0.0146  -0.0344 12 ASP A CA  
87  C C   . ASP A 12 ? 0.3236 0.2316 0.2399 -0.0453 0.0158  -0.0291 12 ASP A C   
88  O O   . ASP A 12 ? 0.3191 0.2368 0.2432 -0.0445 0.0189  -0.0256 12 ASP A O   
89  C CB  . ASP A 12 ? 0.2848 0.1759 0.1814 -0.0502 0.0086  -0.0343 12 ASP A CB  
90  C CG  . ASP A 12 ? 0.3600 0.2538 0.2537 -0.0585 0.0072  -0.0319 12 ASP A CG  
91  O OD1 . ASP A 12 ? 0.3555 0.2550 0.2529 -0.0614 0.0101  -0.0319 12 ASP A OD1 
92  O OD2 . ASP A 12 ? 0.4459 0.3374 0.3311 -0.0648 0.0041  -0.0305 12 ASP A OD2 
93  N N   . SER A 13 ? 0.2757 0.1840 0.1909 -0.0438 0.0134  -0.0275 13 SER A N   
94  C CA  . SER A 13 ? 0.2729 0.1930 0.1949 -0.0418 0.0127  -0.0197 13 SER A CA  
95  C C   . SER A 13 ? 0.3046 0.2224 0.2345 -0.0326 0.0206  -0.0151 13 SER A C   
96  O O   . SER A 13 ? 0.2929 0.2240 0.2322 -0.0260 0.0215  -0.0054 13 SER A O   
97  C CB  . SER A 13 ? 0.3358 0.2547 0.2503 -0.0452 0.0084  -0.0197 13 SER A CB  
98  O OG  . SER A 13 ? 0.4486 0.3577 0.3594 -0.0430 0.0116  -0.0244 13 SER A OG  
99  N N   . TRP A 14 ? 0.2601 0.1611 0.1839 -0.0326 0.0270  -0.0214 14 TRP A N   
100 C CA  . TRP A 14 ? 0.2679 0.1538 0.1901 -0.0264 0.0381  -0.0197 14 TRP A CA  
101 C C   . TRP A 14 ? 0.3270 0.2144 0.2552 -0.0223 0.0455  -0.0205 14 TRP A C   
102 O O   . TRP A 14 ? 0.3373 0.2210 0.2707 -0.0104 0.0545  -0.0144 14 TRP A O   
103 C CB  . TRP A 14 ? 0.2549 0.1227 0.1624 -0.0349 0.0431  -0.0279 14 TRP A CB  
104 C CG  . TRP A 14 ? 0.2874 0.1281 0.1832 -0.0332 0.0570  -0.0285 14 TRP A CG  
105 C CD1 . TRP A 14 ? 0.3369 0.1614 0.2234 -0.0375 0.0681  -0.0354 14 TRP A CD1 
106 C CD2 . TRP A 14 ? 0.3059 0.1259 0.1923 -0.0282 0.0630  -0.0221 14 TRP A CD2 
107 N NE1 . TRP A 14 ? 0.3644 0.1548 0.2340 -0.0353 0.0824  -0.0350 14 TRP A NE1 
108 C CE2 . TRP A 14 ? 0.3842 0.1700 0.2535 -0.0286 0.0793  -0.0260 14 TRP A CE2 
109 C CE3 . TRP A 14 ? 0.3235 0.1474 0.2108 -0.0247 0.0568  -0.0133 14 TRP A CE3 
110 C CZ2 . TRP A 14 ? 0.4119 0.1620 0.2631 -0.0237 0.0902  -0.0207 14 TRP A CZ2 
111 C CZ3 . TRP A 14 ? 0.3737 0.1679 0.2458 -0.0201 0.0658  -0.0067 14 TRP A CZ3 
112 C CH2 . TRP A 14 ? 0.4155 0.1707 0.2690 -0.0186 0.0826  -0.0100 14 TRP A CH2 
113 N N   . LEU A 15 ? 0.2805 0.1731 0.2068 -0.0308 0.0423  -0.0271 15 LEU A N   
114 C CA  . LEU A 15 ? 0.2800 0.1751 0.2090 -0.0310 0.0491  -0.0297 15 LEU A CA  
115 C C   . LEU A 15 ? 0.3285 0.2492 0.2724 -0.0256 0.0468  -0.0222 15 LEU A C   
116 O O   . LEU A 15 ? 0.3183 0.2453 0.2687 -0.0200 0.0565  -0.0218 15 LEU A O   
117 C CB  . LEU A 15 ? 0.2756 0.1691 0.1952 -0.0436 0.0453  -0.0373 15 LEU A CB  
118 C CG  . LEU A 15 ? 0.3492 0.2281 0.2547 -0.0522 0.0496  -0.0445 15 LEU A CG  
119 C CD1 . LEU A 15 ? 0.3471 0.2346 0.2466 -0.0617 0.0412  -0.0470 15 LEU A CD1 
120 C CD2 . LEU A 15 ? 0.3853 0.2461 0.2821 -0.0540 0.0657  -0.0498 15 LEU A CD2 
121 N N   A ASP A 16 ? 0.2819 0.2190 0.2290 -0.0290 0.0354  -0.0169 16 ASP A N   
122 N N   B ASP A 16 ? 0.2842 0.2209 0.2311 -0.0290 0.0353  -0.0170 16 ASP A N   
123 C CA  A ASP A 16 ? 0.2816 0.2503 0.2406 -0.0290 0.0319  -0.0088 16 ASP A CA  
124 C CA  B ASP A 16 ? 0.2841 0.2515 0.2423 -0.0295 0.0314  -0.0089 16 ASP A CA  
125 C C   A ASP A 16 ? 0.3477 0.3349 0.3205 -0.0152 0.0331  0.0040  16 ASP A C   
126 C C   B ASP A 16 ? 0.3478 0.3334 0.3203 -0.0151 0.0335  0.0035  16 ASP A C   
127 O O   A ASP A 16 ? 0.3475 0.3709 0.3322 -0.0154 0.0287  0.0135  16 ASP A O   
128 O O   B ASP A 16 ? 0.3445 0.3644 0.3290 -0.0143 0.0305  0.0124  16 ASP A O   
129 C CB  A ASP A 16 ? 0.2980 0.2732 0.2466 -0.0456 0.0202  -0.0103 16 ASP A CB  
130 C CB  B ASP A 16 ? 0.3037 0.2777 0.2519 -0.0450 0.0195  -0.0099 16 ASP A CB  
131 C CG  A ASP A 16 ? 0.3791 0.3501 0.3207 -0.0485 0.0125  -0.0080 16 ASP A CG  
132 C CG  B ASP A 16 ? 0.4250 0.4342 0.3801 -0.0531 0.0161  -0.0032 16 ASP A CG  
133 O OD1 A ASP A 16 ? 0.3665 0.3330 0.2937 -0.0619 0.0058  -0.0109 16 ASP A OD1 
134 O OD1 B ASP A 16 ? 0.4303 0.4563 0.3822 -0.0622 0.0083  0.0022  16 ASP A OD1 
135 O OD2 A ASP A 16 ? 0.4756 0.4441 0.4224 -0.0388 0.0144  -0.0037 16 ASP A OD2 
136 O OD2 B ASP A 16 ? 0.5092 0.5338 0.4728 -0.0519 0.0222  -0.0032 16 ASP A OD2 
137 N N   . GLY A 17 ? 0.3179 0.2814 0.2872 -0.0046 0.0389  0.0052  17 GLY A N   
138 C CA  . GLY A 17 ? 0.3289 0.3018 0.3078 0.0118  0.0414  0.0195  17 GLY A CA  
139 C C   . GLY A 17 ? 0.3851 0.3784 0.3648 0.0067  0.0285  0.0293  17 GLY A C   
140 O O   . GLY A 17 ? 0.3883 0.4012 0.3787 0.0200  0.0282  0.0450  17 GLY A O   
141 N N   . THR A 18 ? 0.3435 0.3320 0.3107 -0.0114 0.0189  0.0211  18 THR A N   
142 C CA  . THR A 18 ? 0.3491 0.3537 0.3118 -0.0205 0.0083  0.0277  18 THR A CA  
143 C C   . THR A 18 ? 0.4412 0.4211 0.3925 -0.0193 0.0085  0.0269  18 THR A C   
144 O O   . THR A 18 ? 0.4326 0.4262 0.3828 -0.0205 0.0027  0.0374  18 THR A O   
145 C CB  . THR A 18 ? 0.4010 0.4107 0.3514 -0.0416 0.0001  0.0192  18 THR A CB  
146 O OG1 . THR A 18 ? 0.4164 0.3929 0.3539 -0.0455 0.0029  0.0046  18 THR A OG1 
147 C CG2 . THR A 18 ? 0.3510 0.3916 0.3090 -0.0487 -0.0017 0.0226  18 THR A CG2 
148 N N   . ALA A 19 ? 0.6153 0.3457 0.2033 -0.0823 0.0455  0.0453  19 ALA A N   
149 C CA  . ALA A 19 ? 0.6242 0.3153 0.2032 -0.0815 0.0499  0.0313  19 ALA A CA  
150 C C   . ALA A 19 ? 0.6880 0.3722 0.2618 -0.0685 0.0537  0.0193  19 ALA A C   
151 O O   . ALA A 19 ? 0.6901 0.3991 0.2660 -0.0564 0.0550  0.0167  19 ALA A O   
152 C CB  . ALA A 19 ? 0.6283 0.3118 0.2086 -0.0857 0.0523  0.0254  19 ALA A CB  
153 N N   . SER A 20 ? 0.6515 0.3024 0.2171 -0.0707 0.0536  0.0121  20 SER A N   
154 C CA  . SER A 20 ? 0.6540 0.2917 0.2129 -0.0613 0.0521  0.0010  20 SER A CA  
155 C C   . SER A 20 ? 0.7013 0.3160 0.2535 -0.0634 0.0529  -0.0072 20 SER A C   
156 O O   . SER A 20 ? 0.6788 0.2884 0.2333 -0.0714 0.0567  -0.0047 20 SER A O   
157 C CB  . SER A 20 ? 0.6916 0.3124 0.2472 -0.0647 0.0476  0.0024  20 SER A CB  
158 O OG  . SER A 20 ? 0.7663 0.3621 0.3170 -0.0782 0.0480  0.0056  20 SER A OG  
159 N N   . GLU A 21 ? 0.6719 0.2728 0.2160 -0.0561 0.0471  -0.0159 21 GLU A N   
160 C CA  . GLU A 21 ? 0.6864 0.2653 0.2230 -0.0591 0.0438  -0.0202 21 GLU A CA  
161 C C   . GLU A 21 ? 0.7485 0.3102 0.2846 -0.0730 0.0462  -0.0164 21 GLU A C   
162 O O   . GLU A 21 ? 0.7508 0.3062 0.2873 -0.0785 0.0494  -0.0146 21 GLU A O   
163 C CB  . GLU A 21 ? 0.7200 0.2850 0.2457 -0.0496 0.0314  -0.0283 21 GLU A CB  
164 C CG  . GLU A 21 ? 0.9027 0.4491 0.4185 -0.0495 0.0237  -0.0302 21 GLU A CG  
165 C CD  . GLU A 21 ? 1.2319 0.7583 0.7336 -0.0420 0.0053  -0.0372 21 GLU A CD  
166 O OE1 . GLU A 21 ? 1.2122 0.7175 0.7060 -0.0500 -0.0056 -0.0344 21 GLU A OE1 
167 O OE2 . GLU A 21 ? 1.2080 0.7408 0.7066 -0.0279 0.0002  -0.0445 21 GLU A OE2 
168 N N   . GLU A 22 ? 0.7028 0.2578 0.2375 -0.0781 0.0446  -0.0148 22 GLU A N   
169 C CA  . GLU A 22 ? 0.6937 0.2323 0.2244 -0.0902 0.0470  -0.0120 22 GLU A CA  
170 C C   . GLU A 22 ? 0.7122 0.2551 0.2463 -0.0946 0.0561  -0.0071 22 GLU A C   
171 O O   . GLU A 22 ? 0.6948 0.2299 0.2265 -0.0995 0.0605  -0.0071 22 GLU A O   
172 C CB  . GLU A 22 ? 0.7131 0.2413 0.2403 -0.0952 0.0422  -0.0105 22 GLU A CB  
173 C CG  . GLU A 22 ? 0.8482 0.3565 0.3670 -0.1079 0.0431  -0.0088 22 GLU A CG  
174 C CD  . GLU A 22 ? 1.0864 0.5820 0.6014 -0.1148 0.0394  -0.0047 22 GLU A CD  
175 O OE1 . GLU A 22 ? 0.8603 0.3595 0.3801 -0.1110 0.0325  -0.0048 22 GLU A OE1 
176 O OE2 . GLU A 22 ? 1.0245 0.5058 0.5311 -0.1235 0.0431  -0.0011 22 GLU A OE2 
177 N N   . LEU A 23 ? 0.6611 0.2182 0.2012 -0.0923 0.0574  -0.0024 23 LEU A N   
178 C CA  . LEU A 23 ? 0.6480 0.2076 0.1904 -0.0964 0.0607  0.0025  23 LEU A CA  
179 C C   . LEU A 23 ? 0.6755 0.2388 0.2233 -0.0956 0.0654  -0.0004 23 LEU A C   
180 O O   . LEU A 23 ? 0.6647 0.2194 0.2111 -0.0989 0.0689  -0.0004 23 LEU A O   
181 C CB  . LEU A 23 ? 0.6466 0.2259 0.1957 -0.0954 0.0567  0.0106  23 LEU A CB  
182 C CG  . LEU A 23 ? 0.7141 0.2928 0.2627 -0.1018 0.0523  0.0194  23 LEU A CG  
183 C CD1 . LEU A 23 ? 0.7427 0.3250 0.2969 -0.1029 0.0539  0.0169  23 LEU A CD1 
184 C CD2 . LEU A 23 ? 0.7356 0.2861 0.2702 -0.1073 0.0495  0.0221  23 LEU A CD2 
185 N N   . LEU A 24 ? 0.6237 0.1985 0.1769 -0.0904 0.0649  -0.0029 24 LEU A N   
186 C CA  . LEU A 24 ? 0.6086 0.1847 0.1674 -0.0910 0.0680  -0.0037 24 LEU A CA  
187 C C   . LEU A 24 ? 0.6701 0.2312 0.2250 -0.0942 0.0706  -0.0046 24 LEU A C   
188 O O   . LEU A 24 ? 0.6697 0.2307 0.2306 -0.0968 0.0750  -0.0029 24 LEU A O   
189 C CB  . LEU A 24 ? 0.6056 0.1910 0.1656 -0.0847 0.0651  -0.0058 24 LEU A CB  
190 C CG  . LEU A 24 ? 0.6501 0.2588 0.2159 -0.0813 0.0641  -0.0039 24 LEU A CG  
191 C CD1 . LEU A 24 ? 0.6603 0.2736 0.2220 -0.0727 0.0619  -0.0080 24 LEU A CD1 
192 C CD2 . LEU A 24 ? 0.6491 0.2675 0.2254 -0.0895 0.0652  0.0012  24 LEU A CD2 
193 N N   . ARG A 25 ? 0.6279 0.1788 0.1737 -0.0948 0.0669  -0.0063 25 ARG A N   
194 C CA  . ARG A 25 ? 0.6236 0.1655 0.1653 -0.0998 0.0674  -0.0046 25 ARG A CA  
195 C C   . ARG A 25 ? 0.6595 0.1980 0.1984 -0.1038 0.0749  -0.0040 25 ARG A C   
196 O O   . ARG A 25 ? 0.6601 0.2006 0.2001 -0.1061 0.0799  -0.0014 25 ARG A O   
197 C CB  . ARG A 25 ? 0.6059 0.1383 0.1384 -0.1012 0.0568  -0.0060 25 ARG A CB  
198 C CG  . ARG A 25 ? 0.7399 0.2708 0.2704 -0.0945 0.0468  -0.0076 25 ARG A CG  
199 C CD  . ARG A 25 ? 0.8195 0.3367 0.3392 -0.0958 0.0316  -0.0094 25 ARG A CD  
200 N NE  . ARG A 25 ? 0.9544 0.4654 0.4675 -0.0861 0.0195  -0.0125 25 ARG A NE  
201 C CZ  . ARG A 25 ? 1.1867 0.6880 0.6940 -0.0869 0.0100  -0.0076 25 ARG A CZ  
202 N NH1 . ARG A 25 ? 1.0549 0.5566 0.5658 -0.0975 0.0123  0.0025  25 ARG A NH1 
203 N NH2 . ARG A 25 ? 1.0316 0.5225 0.5282 -0.0762 -0.0026 -0.0117 25 ARG A NH2 
204 N N   . VAL A 26 ? 0.6201 0.1537 0.1541 -0.1039 0.0750  -0.0053 26 VAL A N   
205 C CA  . VAL A 26 ? 0.6285 0.1536 0.1552 -0.1054 0.0800  -0.0054 26 VAL A CA  
206 C C   . VAL A 26 ? 0.6721 0.2039 0.2067 -0.1015 0.0849  -0.0055 26 VAL A C   
207 O O   . VAL A 26 ? 0.6780 0.2069 0.2087 -0.0996 0.0909  -0.0070 26 VAL A O   
208 C CB  . VAL A 26 ? 0.6859 0.2006 0.2046 -0.1068 0.0750  -0.0037 26 VAL A CB  
209 C CG1 . VAL A 26 ? 0.6925 0.1923 0.1990 -0.1068 0.0772  -0.0039 26 VAL A CG1 
210 C CG2 . VAL A 26 ? 0.6905 0.1969 0.2031 -0.1115 0.0696  -0.0036 26 VAL A CG2 
211 N N   . ALA A 27 ? 0.6171 0.1590 0.1629 -0.1000 0.0817  -0.0043 27 ALA A N   
212 C CA  . ALA A 27 ? 0.6029 0.1507 0.1589 -0.0986 0.0831  -0.0042 27 ALA A CA  
213 C C   . ALA A 27 ? 0.6454 0.1989 0.2102 -0.0982 0.0894  -0.0033 27 ALA A C   
214 O O   . ALA A 27 ? 0.6464 0.2018 0.2179 -0.0962 0.0931  -0.0038 27 ALA A O   
215 C CB  . ALA A 27 ? 0.6006 0.1597 0.1660 -0.1001 0.0766  -0.0018 27 ALA A CB  
216 N N   . VAL A 28 ? 0.5789 0.1345 0.1436 -0.1001 0.0882  -0.0008 28 VAL A N   
217 C CA  . VAL A 28 ? 0.5746 0.1344 0.1454 -0.1017 0.0910  0.0045  28 VAL A CA  
218 C C   . VAL A 28 ? 0.6507 0.2127 0.2167 -0.1014 0.0983  0.0055  28 VAL A C   
219 O O   . VAL A 28 ? 0.6441 0.2148 0.2192 -0.0996 0.1047  0.0088  28 VAL A O   
220 C CB  . VAL A 28 ? 0.6164 0.1727 0.1834 -0.1041 0.0828  0.0083  28 VAL A CB  
221 C CG1 . VAL A 28 ? 0.6160 0.1754 0.1864 -0.1083 0.0823  0.0181  28 VAL A CG1 
222 C CG2 . VAL A 28 ? 0.6025 0.1589 0.1736 -0.1021 0.0777  0.0071  28 VAL A CG2 
223 N N   A ASN A 29 ? 0.6279 0.1838 0.1806 -0.1029 0.0977  0.0031  29 ASN A N   
224 N N   B ASN A 29 ? 0.6248 0.1807 0.1775 -0.1030 0.0973  0.0031  29 ASN A N   
225 C CA  A ASN A 29 ? 0.6434 0.2043 0.1900 -0.1026 0.1052  0.0040  29 ASN A CA  
226 C CA  B ASN A 29 ? 0.6400 0.1975 0.1832 -0.1033 0.1039  0.0030  29 ASN A CA  
227 C C   A ASN A 29 ? 0.7072 0.2652 0.2501 -0.0945 0.1124  -0.0022 29 ASN A C   
228 C C   B ASN A 29 ? 0.7035 0.2611 0.2462 -0.0949 0.1119  -0.0020 29 ASN A C   
229 O O   A ASN A 29 ? 0.7132 0.2812 0.2556 -0.0904 0.1208  -0.0013 29 ASN A O   
230 O O   B ASN A 29 ? 0.7059 0.2745 0.2494 -0.0911 0.1203  -0.0006 29 ASN A O   
231 C CB  A ASN A 29 ? 0.6641 0.2211 0.1981 -0.1097 0.1009  0.0056  29 ASN A CB  
232 C CB  B ASN A 29 ? 0.6682 0.2122 0.1963 -0.1075 0.0989  -0.0005 29 ASN A CB  
233 C CG  A ASN A 29 ? 0.9571 0.5215 0.4957 -0.1170 0.0925  0.0151  29 ASN A CG  
234 C CG  B ASN A 29 ? 0.9699 0.5170 0.4880 -0.1136 0.1007  0.0022  29 ASN A CG  
235 O OD1 A ASN A 29 ? 0.9001 0.4790 0.4410 -0.1209 0.0948  0.0237  29 ASN A OD1 
236 O OD1 B ASN A 29 ? 0.8850 0.4479 0.4083 -0.1158 0.1034  0.0090  29 ASN A OD1 
237 N ND2 A ASN A 29 ? 0.8353 0.3902 0.3742 -0.1181 0.0813  0.0144  29 ASN A ND2 
238 N ND2 B ASN A 29 ? 0.8869 0.4194 0.3903 -0.1175 0.0985  -0.0013 29 ASN A ND2 
239 N N   . ALA A 30 ? 0.6644 0.2107 0.2057 -0.0917 0.1074  -0.0070 30 ALA A N   
240 C CA  . ALA A 30 ? 0.6765 0.2152 0.2131 -0.0837 0.1086  -0.0126 30 ALA A CA  
241 C C   . ALA A 30 ? 0.7341 0.2845 0.2882 -0.0790 0.1118  -0.0124 30 ALA A C   
242 O O   . ALA A 30 ? 0.7480 0.2963 0.2994 -0.0698 0.1147  -0.0175 30 ALA A O   
243 C CB  . ALA A 30 ? 0.6861 0.2097 0.2162 -0.0853 0.0973  -0.0140 30 ALA A CB  
244 N N   . GLY A 31 ? 0.6757 0.2364 0.2466 -0.0848 0.1102  -0.0066 31 GLY A N   
245 C CA  . GLY A 31 ? 0.6589 0.2287 0.2488 -0.0835 0.1117  -0.0044 31 GLY A CA  
246 C C   . GLY A 31 ? 0.6716 0.2346 0.2689 -0.0857 0.1016  -0.0075 31 GLY A C   
247 O O   . GLY A 31 ? 0.6643 0.2304 0.2764 -0.0850 0.1002  -0.0076 31 GLY A O   
248 N N   . ASP A 32 ? 0.6022 0.1579 0.1903 -0.0895 0.0934  -0.0084 32 ASP A N   
249 C CA  . ASP A 32 ? 0.5851 0.1399 0.1797 -0.0945 0.0816  -0.0082 32 ASP A CA  
250 C C   . ASP A 32 ? 0.5907 0.1563 0.1980 -0.1021 0.0801  -0.0031 32 ASP A C   
251 O O   . ASP A 32 ? 0.5860 0.1564 0.2024 -0.1082 0.0713  -0.0016 32 ASP A O   
252 C CB  . ASP A 32 ? 0.6088 0.1545 0.1876 -0.0952 0.0725  -0.0085 32 ASP A CB  
253 C CG  . ASP A 32 ? 0.6898 0.2179 0.2520 -0.0876 0.0701  -0.0133 32 ASP A CG  
254 O OD1 . ASP A 32 ? 0.6945 0.2189 0.2600 -0.0812 0.0704  -0.0182 32 ASP A OD1 
255 O OD2 . ASP A 32 ? 0.7500 0.2661 0.2945 -0.0874 0.0672  -0.0124 32 ASP A OD2 
256 N N   . LEU A 33 ? 0.4329 0.2080 0.2637 -0.0615 0.1580  0.0138  33 LEU A N   
257 C CA  . LEU A 33 ? 0.3847 0.2038 0.2667 -0.0651 0.1471  0.0028  33 LEU A CA  
258 C C   . LEU A 33 ? 0.4467 0.2466 0.3610 -0.0740 0.1804  -0.0071 33 LEU A C   
259 O O   . LEU A 33 ? 0.4945 0.2357 0.3707 -0.0761 0.2119  -0.0030 33 LEU A O   
260 C CB  . LEU A 33 ? 0.3830 0.2029 0.2345 -0.0579 0.1242  0.0070  33 LEU A CB  
261 C CG  . LEU A 33 ? 0.4187 0.2675 0.2562 -0.0508 0.0914  0.0130  33 LEU A CG  
262 C CD1 . LEU A 33 ? 0.4285 0.2667 0.2395 -0.0432 0.0768  0.0146  33 LEU A CD1 
263 C CD2 . LEU A 33 ? 0.3964 0.3004 0.2798 -0.0534 0.0749  0.0061  33 LEU A CD2 
264 N N   . THR A 34 ? 0.3664 0.2089 0.3484 -0.0789 0.1738  -0.0210 34 THR A N   
265 C CA  . THR A 34 ? 0.3792 0.2083 0.4012 -0.0882 0.2012  -0.0322 34 THR A CA  
266 C C   . THR A 34 ? 0.4258 0.2388 0.4144 -0.0853 0.1932  -0.0289 34 THR A C   
267 O O   . THR A 34 ? 0.4079 0.2374 0.3662 -0.0761 0.1621  -0.0222 34 THR A O   
268 C CB  . THR A 34 ? 0.4579 0.3353 0.5723 -0.0931 0.1923  -0.0515 34 THR A CB  
269 O OG1 . THR A 34 ? 0.4355 0.3496 0.5588 -0.0858 0.1517  -0.0545 34 THR A OG1 
270 C CG2 . THR A 34 ? 0.4242 0.3199 0.5723 -0.0933 0.1938  -0.0570 34 THR A CG2 
271 N N   . GLN A 35 ? 0.4030 0.1819 0.3978 -0.0936 0.2232  -0.0343 35 GLN A N   
272 C CA  . GLN A 35 ? 0.4126 0.1718 0.3750 -0.0909 0.2165  -0.0328 35 GLN A CA  
273 C C   . GLN A 35 ? 0.4077 0.2221 0.4090 -0.0858 0.1786  -0.0389 35 GLN A C   
274 O O   . GLN A 35 ? 0.3883 0.2030 0.3509 -0.0768 0.1563  -0.0332 35 GLN A O   
275 C CB  . GLN A 35 ? 0.4730 0.1874 0.4454 -0.1033 0.2579  -0.0401 35 GLN A CB  
276 C CG  . GLN A 35 ? 0.5797 0.2672 0.5135 -0.1009 0.2520  -0.0392 35 GLN A CG  
277 C CD  . GLN A 35 ? 0.7059 0.3544 0.5449 -0.0864 0.2340  -0.0261 35 GLN A CD  
278 O OE1 . GLN A 35 ? 0.6772 0.2672 0.4524 -0.0832 0.2514  -0.0184 35 GLN A OE1 
279 N NE2 . GLN A 35 ? 0.5311 0.2077 0.3610 -0.0762 0.1979  -0.0251 35 GLN A NE2 
280 N N   . GLU A 36 ? 0.3396 0.1953 0.4161 -0.0903 0.1710  -0.0520 36 GLU A N   
281 C CA  . GLU A 36 ? 0.3042 0.2007 0.4144 -0.0841 0.1349  -0.0597 36 GLU A CA  
282 C C   . GLU A 36 ? 0.3344 0.2532 0.4061 -0.0721 0.1035  -0.0503 36 GLU A C   
283 O O   . GLU A 36 ? 0.3276 0.2595 0.3882 -0.0642 0.0795  -0.0499 36 GLU A O   
284 C CB  . GLU A 36 ? 0.3030 0.2280 0.4984 -0.0889 0.1296  -0.0784 36 GLU A CB  
285 C CG  . GLU A 36 ? 0.4633 0.3733 0.7191 -0.1028 0.1623  -0.0920 36 GLU A CG  
286 C CD  . GLU A 36 ? 0.6458 0.5330 0.9109 -0.1131 0.2061  -0.0916 36 GLU A CD  
287 O OE1 . GLU A 36 ? 0.5445 0.4213 0.7579 -0.1085 0.2099  -0.0784 36 GLU A OE1 
288 O OE2 . GLU A 36 ? 0.5431 0.4197 0.8685 -0.1260 0.2385  -0.1050 36 GLU A OE2 
289 N N   . GLU A 37 ? 0.2787 0.1984 0.3300 -0.0711 0.1064  -0.0428 37 GLU A N   
290 C CA  . GLU A 37 ? 0.2534 0.1911 0.2707 -0.0624 0.0821  -0.0340 37 GLU A CA  
291 C C   . GLU A 37 ? 0.3390 0.2610 0.3028 -0.0559 0.0774  -0.0230 37 GLU A C   
292 O O   . GLU A 37 ? 0.3232 0.2648 0.2750 -0.0487 0.0569  -0.0206 37 GLU A O   
293 C CB  . GLU A 37 ? 0.2608 0.1996 0.2706 -0.0638 0.0867  -0.0292 37 GLU A CB  
294 C CG  . GLU A 37 ? 0.3299 0.2930 0.3896 -0.0656 0.0782  -0.0416 37 GLU A CG  
295 C CD  . GLU A 37 ? 0.4627 0.4220 0.5138 -0.0673 0.0866  -0.0371 37 GLU A CD  
296 O OE1 . GLU A 37 ? 0.3897 0.3188 0.4140 -0.0703 0.1115  -0.0284 37 GLU A OE1 
297 O OE2 . GLU A 37 ? 0.2733 0.2531 0.3375 -0.0641 0.0676  -0.0426 37 GLU A OE2 
298 N N   . ALA A 38 ? 0.3420 0.2229 0.2725 -0.0575 0.0974  -0.0180 38 ALA A N   
299 C CA  . ALA A 38 ? 0.3649 0.2220 0.2440 -0.0491 0.0894  -0.0111 38 ALA A CA  
300 C C   . ALA A 38 ? 0.4069 0.2754 0.2928 -0.0449 0.0774  -0.0160 38 ALA A C   
301 O O   . ALA A 38 ? 0.3978 0.2776 0.2654 -0.0354 0.0586  -0.0134 38 ALA A O   
302 C CB  . ALA A 38 ? 0.4302 0.2249 0.2617 -0.0501 0.1123  -0.0069 38 ALA A CB  
303 N N   . ASP A 39 ? 0.3569 0.2231 0.2741 -0.0517 0.0885  -0.0240 39 ASP A N   
304 C CA  . ASP A 39 ? 0.3472 0.2188 0.2700 -0.0481 0.0776  -0.0287 39 ASP A CA  
305 C C   . ASP A 39 ? 0.3540 0.2672 0.2981 -0.0410 0.0515  -0.0311 39 ASP A C   
306 O O   . ASP A 39 ? 0.3378 0.2557 0.2682 -0.0330 0.0384  -0.0308 39 ASP A O   
307 C CB  . ASP A 39 ? 0.3827 0.2377 0.3379 -0.0585 0.0963  -0.0378 39 ASP A CB  
308 C CG  . ASP A 39 ? 0.5793 0.3776 0.4941 -0.0641 0.1252  -0.0353 39 ASP A CG  
309 O OD1 . ASP A 39 ? 0.6244 0.3897 0.4786 -0.0560 0.1217  -0.0289 39 ASP A OD1 
310 O OD2 . ASP A 39 ? 0.6572 0.4384 0.6012 -0.0764 0.1527  -0.0414 39 ASP A OD2 
311 N N   . LYS A 40 ? 0.2822 0.2182 0.2540 -0.0434 0.0461  -0.0337 40 LYS A N   
312 C CA  . LYS A 40 ? 0.2593 0.2192 0.2358 -0.0365 0.0251  -0.0355 40 LYS A CA  
313 C C   . LYS A 40 ? 0.3135 0.2830 0.2564 -0.0295 0.0186  -0.0266 40 LYS A C   
314 O O   . LYS A 40 ? 0.2987 0.2761 0.2323 -0.0221 0.0079  -0.0270 40 LYS A O   
315 C CB  . LYS A 40 ? 0.2746 0.2467 0.2817 -0.0402 0.0205  -0.0420 40 LYS A CB  
316 C CG  . LYS A 40 ? 0.3336 0.3159 0.3334 -0.0327 0.0002  -0.0446 40 LYS A CG  
317 C CD  . LYS A 40 ? 0.4747 0.4569 0.5117 -0.0328 -0.0125 -0.0585 40 LYS A CD  
318 C CE  . LYS A 40 ? 0.5424 0.5308 0.6080 -0.0412 -0.0006 -0.0614 40 LYS A CE  
319 N NZ  . LYS A 40 ? 0.6591 0.6539 0.7049 -0.0386 -0.0101 -0.0589 40 LYS A NZ  
320 N N   . ILE A 41 ? 0.2764 0.2421 0.2039 -0.0320 0.0260  -0.0196 41 ILE A N   
321 C CA  . ILE A 41 ? 0.2673 0.2425 0.1741 -0.0266 0.0190  -0.0134 41 ILE A CA  
322 C C   . ILE A 41 ? 0.3273 0.2959 0.2180 -0.0180 0.0142  -0.0137 41 ILE A C   
323 O O   . ILE A 41 ? 0.3195 0.3056 0.2105 -0.0117 0.0068  -0.0137 41 ILE A O   
324 C CB  . ILE A 41 ? 0.2979 0.2613 0.1901 -0.0297 0.0240  -0.0069 41 ILE A CB  
325 C CG1 . ILE A 41 ? 0.2832 0.2590 0.1901 -0.0362 0.0255  -0.0066 41 ILE A CG1 
326 C CG2 . ILE A 41 ? 0.2943 0.2634 0.1724 -0.0231 0.0134  -0.0032 41 ILE A CG2 
327 C CD1 . ILE A 41 ? 0.3194 0.2747 0.2115 -0.0400 0.0347  -0.0008 41 ILE A CD1 
328 N N   . MET A 42 ? 0.2941 0.2351 0.1715 -0.0177 0.0202  -0.0152 42 MET A N   
329 C CA  . MET A 42 ? 0.2983 0.2260 0.1549 -0.0084 0.0136  -0.0169 42 MET A CA  
330 C C   . MET A 42 ? 0.3375 0.2800 0.2045 -0.0032 0.0070  -0.0211 42 MET A C   
331 O O   . MET A 42 ? 0.3428 0.2809 0.1953 0.0065  -0.0002 -0.0231 42 MET A O   
332 C CB  . MET A 42 ? 0.3602 0.2413 0.1866 -0.0099 0.0236  -0.0172 42 MET A CB  
333 C CG  . MET A 42 ? 0.4295 0.2779 0.2231 -0.0081 0.0252  -0.0132 42 MET A CG  
334 S SD  . MET A 42 ? 0.5403 0.3123 0.2767 -0.0075 0.0399  -0.0140 42 MET A SD  
335 C CE  . MET A 42 ? 0.4975 0.2620 0.2605 -0.0258 0.0729  -0.0136 42 MET A CE  
336 N N   A SER A 43 ? 0.2841 0.2386 0.1727 -0.0075 0.0070  -0.0235 43 SER A N   
337 N N   B SER A 43 ? 0.2838 0.2380 0.1721 -0.0076 0.0072  -0.0234 43 SER A N   
338 C CA  A SER A 43 ? 0.2794 0.2404 0.1708 -0.0006 -0.0021 -0.0269 43 SER A CA  
339 C CA  B SER A 43 ? 0.2780 0.2374 0.1687 -0.0009 -0.0015 -0.0270 43 SER A CA  
340 C C   A SER A 43 ? 0.3149 0.2934 0.1994 0.0070  -0.0049 -0.0251 43 SER A C   
341 C C   B SER A 43 ? 0.3121 0.2902 0.1969 0.0068  -0.0049 -0.0252 43 SER A C   
342 O O   A SER A 43 ? 0.3177 0.2946 0.1928 0.0155  -0.0081 -0.0266 43 SER A O   
343 O O   B SER A 43 ? 0.3118 0.2883 0.1871 0.0153  -0.0083 -0.0267 43 SER A O   
344 C CB  A SER A 43 ? 0.3251 0.2843 0.2378 -0.0050 -0.0067 -0.0324 43 SER A CB  
345 C CB  B SER A 43 ? 0.3231 0.2764 0.2362 -0.0062 -0.0045 -0.0328 43 SER A CB  
346 O OG  A SER A 43 ? 0.4591 0.4061 0.3884 -0.0136 0.0013  -0.0354 43 SER A OG  
347 O OG  B SER A 43 ? 0.4136 0.3763 0.3329 -0.0047 -0.0123 -0.0348 43 SER A OG  
348 N N   . TYR A 44 ? 0.2535 0.2462 0.1436 0.0029  -0.0009 -0.0219 44 TYR A N   
349 C CA  . TYR A 44 ? 0.2372 0.2466 0.1283 0.0069  0.0019  -0.0213 44 TYR A CA  
350 C C   . TYR A 44 ? 0.2970 0.3147 0.1915 0.0148  0.0008  -0.0229 44 TYR A C   
351 O O   . TYR A 44 ? 0.2995 0.3071 0.1891 0.0164  -0.0052 -0.0234 44 TYR A O   
352 C CB  . TYR A 44 ? 0.2254 0.2462 0.1246 -0.0015 0.0054  -0.0180 44 TYR A CB  
353 C CG  . TYR A 44 ? 0.2253 0.2394 0.1205 -0.0065 0.0044  -0.0189 44 TYR A CG  
354 C CD1 . TYR A 44 ? 0.2501 0.2614 0.1325 -0.0054 0.0082  -0.0197 44 TYR A CD1 
355 C CD2 . TYR A 44 ? 0.2192 0.2244 0.1223 -0.0118 0.0004  -0.0206 44 TYR A CD2 
356 C CE1 . TYR A 44 ? 0.2615 0.2570 0.1316 -0.0073 0.0023  -0.0226 44 TYR A CE1 
357 C CE2 . TYR A 44 ? 0.2266 0.2252 0.1313 -0.0141 -0.0056 -0.0248 44 TYR A CE2 
358 C CZ  . TYR A 44 ? 0.3204 0.3120 0.2045 -0.0108 -0.0075 -0.0260 44 TYR A CZ  
359 O OH  . TYR A 44 ? 0.3060 0.2820 0.1834 -0.0105 -0.0184 -0.0321 44 TYR A OH  
360 N N   . PRO A 45 ? 0.2676 0.2984 0.1692 0.0208  0.0071  -0.0254 45 PRO A N   
361 C CA  . PRO A 45 ? 0.2689 0.3140 0.1885 0.0287  0.0051  -0.0305 45 PRO A CA  
362 C C   . PRO A 45 ? 0.3147 0.3725 0.2552 0.0241  -0.0002 -0.0310 45 PRO A C   
363 O O   . PRO A 45 ? 0.2856 0.3572 0.2402 0.0161  0.0080  -0.0288 45 PRO A O   
364 C CB  . PRO A 45 ? 0.2951 0.3506 0.2238 0.0329  0.0211  -0.0333 45 PRO A CB  
365 C CG  . PRO A 45 ? 0.3652 0.3971 0.2618 0.0320  0.0257  -0.0293 45 PRO A CG  
366 C CD  . PRO A 45 ? 0.2977 0.3232 0.1886 0.0217  0.0175  -0.0253 45 PRO A CD  
367 N N   . TRP A 46 ? 0.2947 0.3397 0.2297 0.0299  -0.0157 -0.0338 46 TRP A N   
368 C CA  . TRP A 46 ? 0.2902 0.3346 0.2363 0.0293  -0.0276 -0.0354 46 TRP A CA  
369 C C   . TRP A 46 ? 0.3308 0.4074 0.3247 0.0328  -0.0279 -0.0439 46 TRP A C   
370 O O   . TRP A 46 ? 0.3412 0.4301 0.3562 0.0426  -0.0283 -0.0529 46 TRP A O   
371 C CB  . TRP A 46 ? 0.3041 0.3121 0.2207 0.0390  -0.0460 -0.0389 46 TRP A CB  
372 C CG  . TRP A 46 ? 0.3311 0.3236 0.2472 0.0427  -0.0640 -0.0415 46 TRP A CG  
373 C CD1 . TRP A 46 ? 0.3785 0.3416 0.2654 0.0369  -0.0654 -0.0340 46 TRP A CD1 
374 C CD2 . TRP A 46 ? 0.3387 0.3393 0.2855 0.0547  -0.0856 -0.0539 46 TRP A CD2 
375 N NE1 . TRP A 46 ? 0.3871 0.3339 0.2757 0.0454  -0.0882 -0.0395 46 TRP A NE1 
376 C CE2 . TRP A 46 ? 0.4056 0.3764 0.3351 0.0565  -0.1034 -0.0530 46 TRP A CE2 
377 C CE3 . TRP A 46 ? 0.3515 0.3805 0.3425 0.0651  -0.0923 -0.0674 46 TRP A CE3 
378 C CZ2 . TRP A 46 ? 0.4167 0.3834 0.3722 0.0690  -0.1328 -0.0658 46 TRP A CZ2 
379 C CZ3 . TRP A 46 ? 0.3852 0.4169 0.4118 0.0764  -0.1187 -0.0816 46 TRP A CZ3 
380 C CH2 . TRP A 46 ? 0.4140 0.4140 0.4229 0.0787  -0.1413 -0.0812 46 TRP A CH2 
381 N N   . GLY A 47 ? 0.2544 0.3443 0.2690 0.0243  -0.0265 -0.0418 47 GLY A N   
382 C CA  . GLY A 47 ? 0.2407 0.3623 0.3105 0.0240  -0.0232 -0.0508 47 GLY A CA  
383 C C   . GLY A 47 ? 0.2844 0.4269 0.3726 0.0198  0.0060  -0.0522 47 GLY A C   
384 O O   . GLY A 47 ? 0.2649 0.4303 0.4004 0.0245  0.0137  -0.0636 47 GLY A O   
385 N N   . ALA A 48 ? 0.2568 0.3855 0.3062 0.0123  0.0222  -0.0422 48 ALA A N   
386 C CA  . ALA A 48 ? 0.2773 0.4060 0.3216 0.0102  0.0497  -0.0422 48 ALA A CA  
387 C C   . ALA A 48 ? 0.3338 0.4785 0.4103 -0.0001 0.0719  -0.0451 48 ALA A C   
388 O O   . ALA A 48 ? 0.3513 0.4972 0.4391 0.0004  0.0990  -0.0497 48 ALA A O   
389 C CB  . ALA A 48 ? 0.2930 0.3926 0.2828 0.0075  0.0528  -0.0331 48 ALA A CB  
390 N N   . TRP A 49 ? 0.2822 0.4341 0.3701 -0.0094 0.0628  -0.0424 49 TRP A N   
391 C CA  . TRP A 49 ? 0.2912 0.4567 0.4107 -0.0214 0.0827  -0.0451 49 TRP A CA  
392 C C   . TRP A 49 ? 0.3439 0.5423 0.5406 -0.0188 0.0871  -0.0599 49 TRP A C   
393 O O   . TRP A 49 ? 0.3509 0.5611 0.5837 -0.0285 0.1154  -0.0655 49 TRP A O   
394 C CB  . TRP A 49 ? 0.2719 0.4342 0.3805 -0.0314 0.0681  -0.0379 49 TRP A CB  
395 C CG  . TRP A 49 ? 0.2944 0.4282 0.3397 -0.0368 0.0689  -0.0265 49 TRP A CG  
396 C CD1 . TRP A 49 ? 0.3254 0.4518 0.3509 -0.0429 0.0541  -0.0192 49 TRP A CD1 
397 C CD2 . TRP A 49 ? 0.3119 0.4180 0.3083 -0.0345 0.0817  -0.0232 49 TRP A CD2 
398 N NE1 . TRP A 49 ? 0.3288 0.4299 0.3039 -0.0449 0.0573  -0.0132 49 TRP A NE1 
399 C CE2 . TRP A 49 ? 0.3638 0.4504 0.3201 -0.0394 0.0716  -0.0162 49 TRP A CE2 
400 C CE3 . TRP A 49 ? 0.3496 0.4413 0.3309 -0.0272 0.0986  -0.0265 49 TRP A CE3 
401 C CZ2 . TRP A 49 ? 0.3743 0.4286 0.2815 -0.0366 0.0736  -0.0146 49 TRP A CZ2 
402 C CZ3 . TRP A 49 ? 0.3968 0.4509 0.3209 -0.0242 0.1007  -0.0229 49 TRP A CZ3 
403 C CH2 . TRP A 49 ? 0.4045 0.4408 0.2949 -0.0286 0.0863  -0.0181 49 TRP A CH2 
404 N N   . ASN A 50 ? 0.2879 0.4972 0.5106 -0.0052 0.0594  -0.0680 50 ASN A N   
405 C CA  . ASN A 50 ? 0.2814 0.5219 0.5850 0.0010  0.0542  -0.0862 50 ASN A CA  
406 C C   . ASN A 50 ? 0.3414 0.5917 0.6678 0.0107  0.0749  -0.0962 50 ASN A C   
407 O O   . ASN A 50 ? 0.3377 0.6175 0.7411 0.0160  0.0766  -0.1140 50 ASN A O   
408 C CB  . ASN A 50 ? 0.2651 0.5022 0.5801 0.0137  0.0071  -0.0928 50 ASN A CB  
409 C CG  . ASN A 50 ? 0.4901 0.7059 0.7660 0.0069  -0.0132 -0.0807 50 ASN A CG  
410 O OD1 . ASN A 50 ? 0.2865 0.5118 0.5817 -0.0061 -0.0052 -0.0781 50 ASN A OD1 
411 N ND2 . ASN A 50 ? 0.4461 0.6293 0.6646 0.0158  -0.0374 -0.0735 50 ASN A ND2 
412 N N   . ASP A 51 ? 0.3059 0.5304 0.5683 0.0140  0.0890  -0.0857 51 ASP A N   
413 C CA  . ASP A 51 ? 0.5654 0.7898 0.8325 0.0252  0.1071  -0.0924 51 ASP A CA  
414 C C   . ASP A 51 ? 0.9906 1.2279 1.3038 0.0183  0.1534  -0.1009 51 ASP A C   
415 O O   . ASP A 51 ? 0.5495 0.7990 0.8995 0.0283  0.1689  -0.1127 51 ASP A O   
416 C CB  . ASP A 51 ? 0.5973 0.7836 0.7801 0.0298  0.1094  -0.0784 51 ASP A CB  
417 C CG  . ASP A 51 ? 0.6715 0.8466 0.8237 0.0412  0.0716  -0.0760 51 ASP A CG  
418 O OD1 . ASP A 51 ? 0.6514 0.8415 0.8391 0.0494  0.0447  -0.0863 51 ASP A OD1 
419 O OD2 . ASP A 51 ? 0.7679 0.9137 0.8587 0.0423  0.0683  -0.0651 51 ASP A OD2 
# 
